data_2MD7
#
_entry.id   2MD7
#
loop_
_entity.id
_entity.type
_entity.pdbx_description
1 polymer 'Nuclear body protein SP140'
2 non-polymer 'ZINC ION'
#
_entity_poly.entity_id   1
_entity_poly.type   'polypeptide(L)'
_entity_poly.pdbx_seq_one_letter_code
;GAMGMRNLDECEVCRDGGELFCCDTCSRVFHEDCHIPPVEAERTPWNCIFCRMKES
;
_entity_poly.pdbx_strand_id   B
#
loop_
_chem_comp.id
_chem_comp.type
_chem_comp.name
_chem_comp.formula
ZN non-polymer 'ZINC ION' 'Zn 2'
#
# COMPACT_ATOMS: atom_id res chain seq x y z
N GLY A 1 0.44 13.81 -6.09
CA GLY A 1 1.22 14.84 -5.37
C GLY A 1 2.38 15.36 -6.20
N ALA A 2 3.03 16.41 -5.72
CA ALA A 2 4.17 17.00 -6.43
C ALA A 2 5.32 16.02 -6.51
N MET A 3 5.62 15.38 -5.39
CA MET A 3 6.69 14.39 -5.33
C MET A 3 6.15 13.09 -4.75
N GLY A 4 4.86 12.88 -4.94
CA GLY A 4 4.20 11.69 -4.43
C GLY A 4 3.20 11.13 -5.40
N MET A 5 3.14 9.81 -5.51
CA MET A 5 2.23 9.16 -6.45
C MET A 5 1.23 8.29 -5.71
N ARG A 6 0.07 8.85 -5.41
CA ARG A 6 -1.01 8.10 -4.79
C ARG A 6 -2.08 7.77 -5.83
N ASN A 7 -1.82 6.73 -6.61
CA ASN A 7 -2.75 6.28 -7.64
C ASN A 7 -3.90 5.48 -7.02
N LEU A 8 -4.64 6.15 -6.15
CA LEU A 8 -5.71 5.51 -5.41
C LEU A 8 -7.06 5.65 -6.10
N ASP A 9 -7.07 6.32 -7.24
CA ASP A 9 -8.30 6.48 -8.00
C ASP A 9 -8.61 5.20 -8.74
N GLU A 10 -7.55 4.49 -9.15
CA GLU A 10 -7.68 3.18 -9.78
C GLU A 10 -7.61 2.08 -8.73
N CYS A 11 -7.63 2.48 -7.48
CA CYS A 11 -7.51 1.57 -6.37
C CYS A 11 -8.87 1.36 -5.72
N GLU A 12 -9.55 0.30 -6.15
CA GLU A 12 -10.88 -0.03 -5.66
C GLU A 12 -10.88 -0.14 -4.13
N VAL A 13 -9.82 -0.75 -3.61
CA VAL A 13 -9.72 -1.06 -2.20
C VAL A 13 -9.50 0.20 -1.34
N CYS A 14 -8.91 1.24 -1.93
CA CYS A 14 -8.70 2.48 -1.18
C CYS A 14 -10.03 3.16 -0.90
N ARG A 15 -10.98 3.00 -1.83
CA ARG A 15 -12.30 3.57 -1.66
C ARG A 15 -13.06 2.82 -0.59
N ASP A 16 -12.74 1.54 -0.47
CA ASP A 16 -13.33 0.67 0.55
C ASP A 16 -12.80 1.05 1.94
N GLY A 17 -11.77 1.87 1.96
CA GLY A 17 -11.15 2.27 3.20
C GLY A 17 -10.02 1.34 3.60
N GLY A 18 -9.44 0.66 2.60
CA GLY A 18 -8.35 -0.24 2.87
C GLY A 18 -7.11 0.47 3.33
N GLU A 19 -6.40 -0.14 4.26
CA GLU A 19 -5.19 0.44 4.82
C GLU A 19 -3.97 0.02 4.01
N LEU A 20 -2.98 0.90 3.99
CA LEU A 20 -1.70 0.62 3.36
C LEU A 20 -0.73 0.04 4.37
N PHE A 21 0.01 -0.98 3.95
CA PHE A 21 1.03 -1.55 4.79
C PHE A 21 2.40 -1.36 4.14
N CYS A 22 2.57 -0.20 3.53
CA CYS A 22 3.80 0.17 2.88
C CYS A 22 4.20 1.58 3.24
N CYS A 23 5.50 1.85 3.16
CA CYS A 23 6.03 3.17 3.43
C CYS A 23 5.81 4.05 2.21
N ASP A 24 6.04 5.36 2.33
CA ASP A 24 5.84 6.29 1.22
C ASP A 24 6.53 5.80 -0.04
N THR A 25 7.80 5.46 0.09
CA THR A 25 8.61 5.07 -1.06
C THR A 25 8.00 3.89 -1.81
N CYS A 26 7.63 2.84 -1.08
CA CYS A 26 7.08 1.64 -1.72
C CYS A 26 5.65 1.86 -2.19
N SER A 27 4.87 2.64 -1.46
CA SER A 27 3.47 2.86 -1.80
C SER A 27 3.37 3.60 -3.13
N ARG A 28 4.27 4.54 -3.36
CA ARG A 28 4.25 5.33 -4.59
C ARG A 28 4.62 4.49 -5.79
N VAL A 29 5.28 3.36 -5.56
CA VAL A 29 5.74 2.50 -6.64
C VAL A 29 4.84 1.27 -6.80
N PHE A 30 4.44 0.66 -5.68
CA PHE A 30 3.67 -0.58 -5.73
C PHE A 30 2.37 -0.44 -4.94
N HIS A 31 1.72 0.71 -5.07
CA HIS A 31 0.47 0.99 -4.35
C HIS A 31 -0.52 -0.16 -4.45
N GLU A 32 -0.70 -0.66 -5.66
CA GLU A 32 -1.72 -1.67 -5.93
C GLU A 32 -1.38 -2.98 -5.24
N ASP A 33 -0.10 -3.31 -5.23
CA ASP A 33 0.38 -4.55 -4.63
C ASP A 33 0.45 -4.41 -3.10
N CYS A 34 0.65 -3.17 -2.66
CA CYS A 34 0.81 -2.88 -1.23
C CYS A 34 -0.48 -3.01 -0.46
N HIS A 35 -1.59 -3.17 -1.17
CA HIS A 35 -2.88 -3.39 -0.53
C HIS A 35 -3.17 -4.88 -0.40
N ILE A 36 -2.30 -5.69 -0.97
CA ILE A 36 -2.48 -7.13 -0.98
C ILE A 36 -1.31 -7.85 -0.32
N PRO A 37 -1.54 -8.63 0.75
CA PRO A 37 -2.82 -8.76 1.44
C PRO A 37 -2.86 -7.90 2.72
N PRO A 38 -4.05 -7.40 3.10
CA PRO A 38 -4.21 -6.70 4.37
C PRO A 38 -4.17 -7.69 5.53
N VAL A 39 -3.34 -7.39 6.53
CA VAL A 39 -3.21 -8.28 7.68
C VAL A 39 -4.37 -8.09 8.65
N GLU A 40 -5.08 -9.16 8.93
CA GLU A 40 -6.23 -9.11 9.83
C GLU A 40 -5.87 -9.69 11.19
N ALA A 41 -4.93 -9.04 11.85
CA ALA A 41 -4.48 -9.45 13.16
C ALA A 41 -3.73 -8.30 13.82
N GLU A 42 -2.51 -8.09 13.38
CA GLU A 42 -1.72 -6.97 13.82
C GLU A 42 -1.62 -5.95 12.71
N ARG A 43 -2.64 -5.12 12.59
CA ARG A 43 -2.69 -4.10 11.56
C ARG A 43 -1.68 -3.00 11.86
N THR A 44 -0.48 -3.16 11.34
CA THR A 44 0.59 -2.21 11.57
C THR A 44 0.88 -1.40 10.30
N PRO A 45 0.21 -0.25 10.14
CA PRO A 45 0.35 0.59 8.94
C PRO A 45 1.73 1.24 8.83
N TRP A 46 2.47 1.24 9.93
CA TRP A 46 3.81 1.82 9.95
C TRP A 46 4.85 0.79 9.54
N ASN A 47 4.44 -0.48 9.54
CA ASN A 47 5.33 -1.57 9.14
C ASN A 47 5.21 -1.78 7.65
N CYS A 48 6.29 -1.56 6.92
CA CYS A 48 6.25 -1.72 5.48
C CYS A 48 6.57 -3.16 5.08
N ILE A 49 5.64 -3.78 4.37
CA ILE A 49 5.81 -5.17 3.95
C ILE A 49 6.72 -5.26 2.74
N PHE A 50 6.76 -4.21 1.93
CA PHE A 50 7.61 -4.22 0.73
C PHE A 50 9.07 -3.98 1.12
N CYS A 51 9.29 -3.22 2.17
CA CYS A 51 10.64 -3.06 2.70
C CYS A 51 11.08 -4.36 3.38
N ARG A 52 10.17 -4.95 4.16
CA ARG A 52 10.42 -6.23 4.82
C ARG A 52 10.56 -7.36 3.79
N MET A 53 10.12 -7.09 2.58
CA MET A 53 10.20 -8.07 1.49
C MET A 53 11.64 -8.22 1.03
N LYS A 54 12.39 -7.13 1.10
CA LYS A 54 13.78 -7.12 0.69
C LYS A 54 14.66 -7.50 1.88
N GLU A 55 14.42 -8.69 2.41
CA GLU A 55 15.13 -9.15 3.60
C GLU A 55 16.50 -9.67 3.22
N SER A 56 16.62 -10.20 2.02
CA SER A 56 17.87 -10.73 1.53
C SER A 56 18.37 -9.87 0.37
ZN ZN B . 8.88 0.44 2.06
ZN ZN C . -4.73 2.20 -2.58
N GLY A 1 -4.59 5.91 -13.38
CA GLY A 1 -3.39 6.74 -13.12
C GLY A 1 -3.11 7.70 -14.26
N ALA A 2 -1.86 8.11 -14.40
CA ALA A 2 -1.43 9.03 -15.46
C ALA A 2 -2.31 10.29 -15.50
N MET A 3 -2.56 10.86 -14.34
CA MET A 3 -3.41 12.04 -14.22
C MET A 3 -3.32 12.60 -12.80
N GLY A 4 -2.23 13.29 -12.52
CA GLY A 4 -2.00 13.82 -11.20
C GLY A 4 -1.09 12.92 -10.39
N MET A 5 -0.88 13.25 -9.12
CA MET A 5 -0.02 12.47 -8.25
C MET A 5 -0.84 11.39 -7.53
N ARG A 6 -1.44 10.51 -8.32
CA ARG A 6 -2.29 9.46 -7.78
C ARG A 6 -2.20 8.21 -8.64
N ASN A 7 -2.09 7.07 -7.98
CA ASN A 7 -2.07 5.78 -8.66
C ASN A 7 -3.15 4.89 -8.07
N LEU A 8 -4.07 5.52 -7.37
CA LEU A 8 -5.10 4.80 -6.62
C LEU A 8 -6.41 4.71 -7.41
N ASP A 9 -6.35 5.07 -8.68
CA ASP A 9 -7.55 5.04 -9.52
C ASP A 9 -7.95 3.60 -9.84
N GLU A 10 -6.95 2.75 -9.93
CA GLU A 10 -7.20 1.32 -10.15
C GLU A 10 -7.34 0.60 -8.83
N CYS A 11 -7.25 1.36 -7.76
CA CYS A 11 -7.30 0.79 -6.42
C CYS A 11 -8.66 1.07 -5.77
N GLU A 12 -9.60 0.15 -5.96
CA GLU A 12 -10.91 0.27 -5.34
C GLU A 12 -10.81 0.11 -3.83
N VAL A 13 -9.83 -0.68 -3.40
CA VAL A 13 -9.67 -0.98 -1.99
C VAL A 13 -9.38 0.29 -1.19
N CYS A 14 -8.73 1.27 -1.81
CA CYS A 14 -8.52 2.56 -1.18
C CYS A 14 -9.85 3.25 -0.91
N ARG A 15 -10.75 3.13 -1.88
CA ARG A 15 -12.08 3.73 -1.79
C ARG A 15 -12.91 2.99 -0.75
N ASP A 16 -12.66 1.69 -0.66
CA ASP A 16 -13.31 0.84 0.33
C ASP A 16 -12.81 1.15 1.75
N GLY A 17 -11.72 1.92 1.83
CA GLY A 17 -11.17 2.29 3.12
C GLY A 17 -10.00 1.43 3.54
N GLY A 18 -9.42 0.72 2.59
CA GLY A 18 -8.30 -0.16 2.87
C GLY A 18 -7.06 0.59 3.29
N GLU A 19 -6.30 -0.02 4.19
CA GLU A 19 -5.08 0.58 4.70
C GLU A 19 -3.88 0.20 3.84
N LEU A 20 -2.80 0.95 4.02
CA LEU A 20 -1.57 0.73 3.30
C LEU A 20 -0.54 0.07 4.20
N PHE A 21 0.10 -0.97 3.71
CA PHE A 21 1.13 -1.65 4.46
C PHE A 21 2.48 -1.41 3.79
N CYS A 22 2.70 -0.17 3.40
CA CYS A 22 3.93 0.25 2.76
C CYS A 22 4.36 1.64 3.21
N CYS A 23 5.63 1.96 2.97
CA CYS A 23 6.14 3.31 3.22
C CYS A 23 5.60 4.23 2.14
N ASP A 24 5.72 5.54 2.32
CA ASP A 24 5.22 6.49 1.32
C ASP A 24 5.83 6.20 -0.06
N THR A 25 7.14 6.02 -0.09
CA THR A 25 7.85 5.72 -1.33
C THR A 25 7.40 4.37 -1.90
N CYS A 26 7.34 3.36 -1.03
CA CYS A 26 6.94 2.02 -1.45
C CYS A 26 5.51 2.02 -1.98
N SER A 27 4.64 2.74 -1.28
CA SER A 27 3.23 2.86 -1.68
C SER A 27 3.11 3.63 -2.99
N ARG A 28 4.07 4.49 -3.25
CA ARG A 28 4.06 5.28 -4.47
C ARG A 28 4.47 4.42 -5.67
N VAL A 29 5.27 3.39 -5.41
CA VAL A 29 5.75 2.52 -6.47
C VAL A 29 4.87 1.29 -6.65
N PHE A 30 4.56 0.61 -5.55
CA PHE A 30 3.83 -0.65 -5.61
C PHE A 30 2.47 -0.51 -4.94
N HIS A 31 1.78 0.60 -5.19
CA HIS A 31 0.53 0.92 -4.52
C HIS A 31 -0.44 -0.25 -4.50
N GLU A 32 -0.67 -0.86 -5.65
CA GLU A 32 -1.68 -1.89 -5.78
C GLU A 32 -1.32 -3.13 -4.98
N ASP A 33 -0.04 -3.48 -5.00
CA ASP A 33 0.43 -4.67 -4.29
C ASP A 33 0.58 -4.37 -2.80
N CYS A 34 0.78 -3.09 -2.48
CA CYS A 34 0.99 -2.66 -1.10
C CYS A 34 -0.29 -2.72 -0.28
N HIS A 35 -1.41 -3.01 -0.94
CA HIS A 35 -2.68 -3.21 -0.25
C HIS A 35 -2.95 -4.68 -0.04
N ILE A 36 -2.17 -5.52 -0.70
CA ILE A 36 -2.44 -6.95 -0.72
C ILE A 36 -1.34 -7.73 0.01
N PRO A 37 -1.72 -8.61 0.96
CA PRO A 37 -3.08 -8.78 1.45
C PRO A 37 -3.36 -7.89 2.67
N PRO A 38 -4.57 -7.34 2.79
CA PRO A 38 -4.93 -6.56 3.96
C PRO A 38 -4.91 -7.41 5.23
N VAL A 39 -4.24 -6.92 6.26
CA VAL A 39 -4.17 -7.61 7.53
C VAL A 39 -5.46 -7.38 8.32
N GLU A 40 -6.41 -8.28 8.13
CA GLU A 40 -7.73 -8.13 8.70
C GLU A 40 -7.74 -8.56 10.16
N ALA A 41 -7.17 -7.71 11.00
CA ALA A 41 -7.07 -7.93 12.45
C ALA A 41 -6.34 -6.76 13.09
N GLU A 42 -5.32 -6.29 12.40
CA GLU A 42 -4.51 -5.17 12.86
C GLU A 42 -3.92 -4.43 11.67
N ARG A 43 -4.73 -3.56 11.07
CA ARG A 43 -4.30 -2.79 9.91
C ARG A 43 -3.35 -1.68 10.33
N THR A 44 -2.11 -2.05 10.60
CA THR A 44 -1.10 -1.12 11.04
C THR A 44 -0.24 -0.65 9.87
N PRO A 45 -0.28 0.66 9.53
CA PRO A 45 0.50 1.22 8.43
C PRO A 45 2.00 1.22 8.73
N TRP A 46 2.36 0.89 9.96
CA TRP A 46 3.76 0.83 10.37
C TRP A 46 4.33 -0.56 10.12
N ASN A 47 3.96 -1.15 8.99
CA ASN A 47 4.39 -2.48 8.63
C ASN A 47 4.46 -2.61 7.11
N CYS A 48 5.65 -2.40 6.56
CA CYS A 48 5.83 -2.45 5.12
C CYS A 48 6.18 -3.87 4.69
N ILE A 49 5.36 -4.43 3.83
CA ILE A 49 5.56 -5.81 3.38
C ILE A 49 6.73 -5.91 2.39
N PHE A 50 7.04 -4.81 1.71
CA PHE A 50 8.14 -4.81 0.76
C PHE A 50 9.48 -4.65 1.48
N CYS A 51 9.51 -3.79 2.49
CA CYS A 51 10.74 -3.53 3.23
C CYS A 51 11.11 -4.67 4.17
N ARG A 52 10.14 -5.50 4.57
CA ARG A 52 10.40 -6.52 5.57
C ARG A 52 10.54 -7.86 4.89
N MET A 53 10.29 -7.86 3.59
CA MET A 53 10.42 -9.03 2.74
C MET A 53 11.15 -8.59 1.49
N LYS A 54 12.17 -7.77 1.71
CA LYS A 54 12.89 -7.11 0.64
C LYS A 54 13.88 -8.06 -0.01
N GLU A 55 13.36 -8.90 -0.89
CA GLU A 55 14.15 -9.89 -1.59
C GLU A 55 13.76 -9.92 -3.05
N SER A 56 14.37 -9.04 -3.83
CA SER A 56 14.12 -8.92 -5.26
C SER A 56 12.65 -8.59 -5.54
ZN ZN B . 8.85 0.23 2.56
ZN ZN C . -4.63 2.15 -2.71
N GLY A 1 -5.40 14.17 -10.97
CA GLY A 1 -5.38 13.02 -10.04
C GLY A 1 -5.50 11.71 -10.78
N ALA A 2 -5.28 10.61 -10.05
CA ALA A 2 -5.43 9.25 -10.57
C ALA A 2 -4.40 8.92 -11.65
N MET A 3 -3.35 9.73 -11.73
CA MET A 3 -2.28 9.53 -12.71
C MET A 3 -0.93 9.84 -12.08
N GLY A 4 -0.65 9.18 -10.97
CA GLY A 4 0.57 9.48 -10.23
C GLY A 4 0.29 10.31 -9.00
N MET A 5 -0.50 11.35 -9.17
CA MET A 5 -0.90 12.18 -8.05
C MET A 5 -2.23 11.67 -7.51
N ARG A 6 -2.18 11.13 -6.29
CA ARG A 6 -3.35 10.46 -5.70
C ARG A 6 -3.86 9.40 -6.65
N ASN A 7 -3.03 8.42 -6.94
CA ASN A 7 -3.38 7.37 -7.89
C ASN A 7 -4.31 6.35 -7.23
N LEU A 8 -4.54 6.58 -5.95
CA LEU A 8 -5.42 5.73 -5.14
C LEU A 8 -6.89 5.91 -5.51
N ASP A 9 -7.16 6.74 -6.51
CA ASP A 9 -8.54 6.99 -6.93
C ASP A 9 -9.08 5.81 -7.72
N GLU A 10 -8.23 5.22 -8.55
CA GLU A 10 -8.60 4.03 -9.32
C GLU A 10 -8.62 2.80 -8.43
N CYS A 11 -7.83 2.86 -7.36
CA CYS A 11 -7.76 1.80 -6.37
C CYS A 11 -9.07 1.72 -5.58
N GLU A 12 -9.91 0.78 -5.98
CA GLU A 12 -11.20 0.56 -5.31
C GLU A 12 -10.99 0.19 -3.86
N VAL A 13 -9.82 -0.35 -3.56
CA VAL A 13 -9.48 -0.75 -2.22
C VAL A 13 -9.37 0.47 -1.32
N CYS A 14 -8.66 1.49 -1.81
CA CYS A 14 -8.51 2.74 -1.07
C CYS A 14 -9.87 3.42 -0.92
N ARG A 15 -10.71 3.29 -1.93
CA ARG A 15 -12.04 3.88 -1.88
C ARG A 15 -12.88 3.18 -0.83
N ASP A 16 -12.69 1.87 -0.73
CA ASP A 16 -13.37 1.07 0.29
C ASP A 16 -12.81 1.34 1.68
N GLY A 17 -11.65 1.98 1.76
CA GLY A 17 -11.05 2.30 3.04
C GLY A 17 -9.92 1.37 3.39
N GLY A 18 -9.42 0.62 2.40
CA GLY A 18 -8.31 -0.28 2.62
C GLY A 18 -7.05 0.44 3.04
N GLU A 19 -6.24 -0.21 3.85
CA GLU A 19 -5.03 0.38 4.40
C GLU A 19 -3.81 0.02 3.56
N LEU A 20 -2.73 0.73 3.80
CA LEU A 20 -1.47 0.51 3.09
C LEU A 20 -0.44 -0.10 4.02
N PHE A 21 0.24 -1.13 3.55
CA PHE A 21 1.24 -1.81 4.35
C PHE A 21 2.64 -1.50 3.82
N CYS A 22 2.84 -0.25 3.41
CA CYS A 22 4.09 0.18 2.81
C CYS A 22 4.47 1.60 3.24
N CYS A 23 5.73 1.98 2.96
CA CYS A 23 6.20 3.35 3.20
C CYS A 23 5.59 4.30 2.18
N ASP A 24 5.70 5.61 2.39
CA ASP A 24 5.20 6.59 1.43
C ASP A 24 5.68 6.28 0.02
N THR A 25 6.99 6.17 -0.13
CA THR A 25 7.59 5.87 -1.43
C THR A 25 7.14 4.50 -1.95
N CYS A 26 7.24 3.48 -1.08
CA CYS A 26 6.91 2.11 -1.47
C CYS A 26 5.44 1.99 -1.90
N SER A 27 4.56 2.64 -1.15
CA SER A 27 3.13 2.61 -1.43
C SER A 27 2.78 3.28 -2.75
N ARG A 28 3.59 4.25 -3.15
CA ARG A 28 3.31 5.00 -4.36
C ARG A 28 3.93 4.30 -5.58
N VAL A 29 4.88 3.41 -5.34
CA VAL A 29 5.46 2.62 -6.41
C VAL A 29 4.72 1.28 -6.57
N PHE A 30 4.48 0.60 -5.46
CA PHE A 30 3.83 -0.72 -5.50
C PHE A 30 2.45 -0.65 -4.85
N HIS A 31 1.68 0.37 -5.21
CA HIS A 31 0.40 0.65 -4.55
C HIS A 31 -0.52 -0.58 -4.51
N GLU A 32 -0.70 -1.20 -5.66
CA GLU A 32 -1.67 -2.30 -5.78
C GLU A 32 -1.20 -3.51 -5.01
N ASP A 33 0.11 -3.72 -4.99
CA ASP A 33 0.69 -4.85 -4.28
C ASP A 33 0.75 -4.55 -2.79
N CYS A 34 0.79 -3.27 -2.44
CA CYS A 34 0.88 -2.85 -1.06
C CYS A 34 -0.48 -2.88 -0.36
N HIS A 35 -1.51 -3.30 -1.08
CA HIS A 35 -2.84 -3.51 -0.49
C HIS A 35 -3.07 -4.99 -0.23
N ILE A 36 -2.05 -5.79 -0.49
CA ILE A 36 -2.13 -7.24 -0.27
C ILE A 36 -1.03 -7.66 0.70
N PRO A 37 -1.34 -8.52 1.69
CA PRO A 37 -2.69 -9.09 1.89
C PRO A 37 -3.67 -8.06 2.46
N PRO A 38 -4.93 -8.10 1.97
CA PRO A 38 -5.97 -7.13 2.36
C PRO A 38 -6.23 -7.11 3.86
N VAL A 39 -6.81 -6.00 4.33
CA VAL A 39 -7.11 -5.81 5.74
C VAL A 39 -8.05 -6.89 6.24
N GLU A 40 -7.59 -7.64 7.24
CA GLU A 40 -8.33 -8.76 7.78
C GLU A 40 -7.90 -9.02 9.21
N ALA A 41 -6.68 -9.51 9.37
CA ALA A 41 -6.11 -9.78 10.68
C ALA A 41 -4.60 -9.83 10.58
N GLU A 42 -3.92 -9.40 11.63
CA GLU A 42 -2.45 -9.45 11.70
C GLU A 42 -1.79 -8.60 10.63
N ARG A 43 -2.54 -7.65 10.08
CA ARG A 43 -2.00 -6.76 9.07
C ARG A 43 -1.34 -5.55 9.73
N THR A 44 -0.23 -5.10 9.19
CA THR A 44 0.51 -4.00 9.78
C THR A 44 0.61 -2.82 8.83
N PRO A 45 -0.34 -1.87 8.89
CA PRO A 45 -0.34 -0.69 8.02
C PRO A 45 0.78 0.29 8.37
N TRP A 46 1.31 0.16 9.58
CA TRP A 46 2.40 1.01 10.03
C TRP A 46 3.74 0.31 9.82
N ASN A 47 3.75 -0.72 8.98
CA ASN A 47 4.95 -1.49 8.71
C ASN A 47 4.98 -1.90 7.24
N CYS A 48 6.16 -1.85 6.64
CA CYS A 48 6.30 -2.13 5.22
C CYS A 48 6.74 -3.57 5.01
N ILE A 49 5.95 -4.31 4.24
CA ILE A 49 6.24 -5.71 3.96
C ILE A 49 7.36 -5.85 2.92
N PHE A 50 7.51 -4.86 2.05
CA PHE A 50 8.52 -4.93 0.99
C PHE A 50 9.89 -4.61 1.57
N CYS A 51 9.94 -3.59 2.42
CA CYS A 51 11.15 -3.26 3.19
C CYS A 51 11.50 -4.39 4.15
N ARG A 52 10.52 -5.25 4.43
CA ARG A 52 10.72 -6.34 5.37
C ARG A 52 11.17 -7.58 4.60
N MET A 53 10.95 -7.52 3.28
CA MET A 53 11.25 -8.62 2.36
C MET A 53 10.60 -9.93 2.81
N LYS A 54 9.49 -9.81 3.53
CA LYS A 54 8.75 -10.95 3.99
C LYS A 54 7.26 -10.65 3.97
N GLU A 55 6.56 -11.21 2.99
CA GLU A 55 5.13 -11.00 2.88
C GLU A 55 4.39 -11.88 3.87
N SER A 56 4.28 -11.39 5.11
CA SER A 56 3.64 -12.11 6.21
C SER A 56 4.11 -13.57 6.28
ZN ZN B . 9.10 0.43 2.43
ZN ZN C . -4.75 2.01 -2.73
N GLY A 1 -1.36 15.83 -13.57
CA GLY A 1 -1.13 15.90 -12.10
C GLY A 1 0.28 16.34 -11.78
N ALA A 2 0.41 17.45 -11.07
CA ALA A 2 1.71 17.99 -10.71
C ALA A 2 1.67 18.61 -9.32
N MET A 3 1.06 17.89 -8.38
CA MET A 3 0.96 18.37 -7.01
C MET A 3 1.00 17.17 -6.06
N GLY A 4 1.72 16.15 -6.47
CA GLY A 4 1.82 14.93 -5.69
C GLY A 4 1.48 13.70 -6.50
N MET A 5 1.75 12.53 -5.94
CA MET A 5 1.43 11.28 -6.60
C MET A 5 0.15 10.69 -6.04
N ARG A 6 -0.97 11.01 -6.68
CA ARG A 6 -2.27 10.52 -6.26
C ARG A 6 -2.87 9.62 -7.34
N ASN A 7 -2.86 8.31 -7.11
CA ASN A 7 -3.51 7.38 -8.01
C ASN A 7 -4.25 6.32 -7.21
N LEU A 8 -5.13 6.77 -6.34
CA LEU A 8 -5.99 5.85 -5.60
C LEU A 8 -7.34 5.77 -6.30
N ASP A 9 -7.42 6.42 -7.46
CA ASP A 9 -8.63 6.43 -8.25
C ASP A 9 -8.84 5.08 -8.90
N GLU A 10 -7.74 4.44 -9.28
CA GLU A 10 -7.79 3.11 -9.88
C GLU A 10 -7.68 2.05 -8.80
N CYS A 11 -7.62 2.50 -7.56
CA CYS A 11 -7.49 1.63 -6.42
C CYS A 11 -8.83 1.51 -5.71
N GLU A 12 -9.60 0.49 -6.08
CA GLU A 12 -10.92 0.27 -5.53
C GLU A 12 -10.86 0.04 -4.04
N VAL A 13 -9.82 -0.66 -3.62
CA VAL A 13 -9.66 -1.02 -2.22
C VAL A 13 -9.41 0.23 -1.37
N CYS A 14 -8.85 1.28 -1.96
CA CYS A 14 -8.67 2.53 -1.25
C CYS A 14 -10.02 3.15 -0.93
N ARG A 15 -10.93 3.10 -1.89
CA ARG A 15 -12.25 3.68 -1.72
C ARG A 15 -13.08 2.85 -0.75
N ASP A 16 -12.76 1.58 -0.65
CA ASP A 16 -13.37 0.69 0.33
C ASP A 16 -12.74 0.86 1.71
N GLY A 17 -11.85 1.83 1.83
CA GLY A 17 -11.25 2.15 3.12
C GLY A 17 -10.13 1.21 3.50
N GLY A 18 -9.47 0.65 2.49
CA GLY A 18 -8.36 -0.24 2.73
C GLY A 18 -7.15 0.46 3.31
N GLU A 19 -6.26 -0.32 3.89
CA GLU A 19 -5.07 0.21 4.55
C GLU A 19 -3.82 -0.06 3.72
N LEU A 20 -2.82 0.77 3.91
CA LEU A 20 -1.53 0.60 3.26
C LEU A 20 -0.55 -0.05 4.20
N PHE A 21 0.11 -1.09 3.73
CA PHE A 21 1.10 -1.80 4.55
C PHE A 21 2.49 -1.51 4.02
N CYS A 22 2.66 -0.31 3.48
CA CYS A 22 3.92 0.10 2.88
C CYS A 22 4.29 1.50 3.34
N CYS A 23 5.57 1.81 3.22
CA CYS A 23 6.05 3.14 3.49
C CYS A 23 5.81 3.99 2.25
N ASP A 24 5.96 5.30 2.36
CA ASP A 24 5.65 6.23 1.27
C ASP A 24 6.30 5.80 -0.04
N THR A 25 7.60 5.53 0.01
CA THR A 25 8.36 5.22 -1.17
C THR A 25 7.84 3.97 -1.88
N CYS A 26 7.61 2.90 -1.13
CA CYS A 26 7.16 1.65 -1.72
C CYS A 26 5.69 1.76 -2.17
N SER A 27 4.89 2.51 -1.41
CA SER A 27 3.47 2.66 -1.70
C SER A 27 3.27 3.40 -3.02
N ARG A 28 4.13 4.34 -3.31
CA ARG A 28 4.02 5.12 -4.53
C ARG A 28 4.49 4.32 -5.75
N VAL A 29 5.25 3.26 -5.51
CA VAL A 29 5.72 2.41 -6.59
C VAL A 29 4.81 1.19 -6.77
N PHE A 30 4.37 0.60 -5.66
CA PHE A 30 3.54 -0.61 -5.71
C PHE A 30 2.24 -0.38 -4.97
N HIS A 31 1.54 0.69 -5.28
CA HIS A 31 0.33 1.08 -4.55
C HIS A 31 -0.67 -0.07 -4.47
N GLU A 32 -0.96 -0.67 -5.62
CA GLU A 32 -2.01 -1.68 -5.70
C GLU A 32 -1.63 -2.92 -4.89
N ASP A 33 -0.36 -3.29 -4.94
CA ASP A 33 0.15 -4.47 -4.25
C ASP A 33 0.35 -4.19 -2.77
N CYS A 34 0.57 -2.92 -2.43
CA CYS A 34 0.81 -2.53 -1.04
C CYS A 34 -0.48 -2.49 -0.23
N HIS A 35 -1.60 -2.77 -0.88
CA HIS A 35 -2.86 -2.95 -0.19
C HIS A 35 -3.12 -4.42 0.06
N ILE A 36 -2.24 -5.26 -0.47
CA ILE A 36 -2.39 -6.70 -0.40
C ILE A 36 -1.20 -7.30 0.36
N PRO A 37 -1.46 -8.27 1.25
CA PRO A 37 -2.80 -8.76 1.58
C PRO A 37 -3.48 -7.91 2.65
N PRO A 38 -4.77 -7.59 2.46
CA PRO A 38 -5.56 -6.83 3.43
C PRO A 38 -5.64 -7.55 4.77
N VAL A 39 -5.72 -6.79 5.85
CA VAL A 39 -5.69 -7.37 7.19
C VAL A 39 -6.88 -8.28 7.43
N GLU A 40 -6.60 -9.55 7.68
CA GLU A 40 -7.63 -10.53 7.94
C GLU A 40 -7.32 -11.29 9.23
N ALA A 41 -6.03 -11.50 9.50
CA ALA A 41 -5.61 -12.17 10.71
C ALA A 41 -4.62 -11.32 11.51
N GLU A 42 -3.61 -10.81 10.82
CA GLU A 42 -2.59 -9.99 11.44
C GLU A 42 -1.74 -9.29 10.37
N ARG A 43 -1.83 -7.96 10.34
CA ARG A 43 -1.08 -7.16 9.39
C ARG A 43 -0.63 -5.86 10.04
N THR A 44 0.55 -5.39 9.67
CA THR A 44 1.12 -4.20 10.27
C THR A 44 1.12 -3.03 9.30
N PRO A 45 0.18 -2.09 9.43
CA PRO A 45 0.11 -0.89 8.57
C PRO A 45 1.22 0.10 8.91
N TRP A 46 1.75 0.00 10.13
CA TRP A 46 2.82 0.90 10.58
C TRP A 46 4.19 0.27 10.37
N ASN A 47 4.25 -0.70 9.48
CA ASN A 47 5.51 -1.34 9.12
C ASN A 47 5.45 -1.73 7.65
N CYS A 48 6.51 -1.45 6.92
CA CYS A 48 6.49 -1.66 5.49
C CYS A 48 6.84 -3.10 5.13
N ILE A 49 5.93 -3.77 4.45
CA ILE A 49 6.15 -5.17 4.09
C ILE A 49 7.07 -5.31 2.88
N PHE A 50 7.09 -4.30 2.02
CA PHE A 50 7.93 -4.33 0.83
C PHE A 50 9.37 -4.01 1.16
N CYS A 51 9.59 -3.17 2.18
CA CYS A 51 10.94 -2.85 2.61
C CYS A 51 11.66 -4.09 3.14
N ARG A 52 10.94 -4.93 3.87
CA ARG A 52 11.51 -6.17 4.38
C ARG A 52 11.68 -7.19 3.24
N MET A 53 11.03 -6.88 2.12
CA MET A 53 11.04 -7.73 0.91
C MET A 53 10.69 -9.18 1.24
N LYS A 54 9.86 -9.38 2.25
CA LYS A 54 9.51 -10.71 2.67
C LYS A 54 8.06 -11.04 2.30
N GLU A 55 7.27 -10.01 2.06
CA GLU A 55 5.89 -10.21 1.66
C GLU A 55 5.77 -9.90 0.17
N SER A 56 6.90 -9.98 -0.51
CA SER A 56 6.99 -9.62 -1.90
C SER A 56 7.40 -10.83 -2.74
ZN ZN B . 9.04 0.59 2.09
ZN ZN C . -4.74 2.44 -2.65
N GLY A 1 6.22 5.38 -15.55
CA GLY A 1 7.38 4.62 -15.03
C GLY A 1 7.07 3.92 -13.72
N ALA A 2 7.19 4.66 -12.63
CA ALA A 2 6.93 4.12 -11.30
C ALA A 2 6.51 5.23 -10.34
N MET A 3 5.97 6.30 -10.89
CA MET A 3 5.56 7.45 -10.09
C MET A 3 4.11 7.81 -10.37
N GLY A 4 3.21 6.88 -10.04
CA GLY A 4 1.80 7.14 -10.18
C GLY A 4 1.29 8.08 -9.11
N MET A 5 1.44 9.38 -9.34
CA MET A 5 0.96 10.38 -8.41
C MET A 5 -0.56 10.40 -8.39
N ARG A 6 -1.13 10.19 -7.20
CA ARG A 6 -2.58 10.12 -7.02
C ARG A 6 -3.20 9.02 -7.88
N ASN A 7 -2.41 8.00 -8.18
CA ASN A 7 -2.88 6.91 -9.03
C ASN A 7 -3.53 5.83 -8.18
N LEU A 8 -4.73 6.12 -7.72
CA LEU A 8 -5.49 5.19 -6.92
C LEU A 8 -6.97 5.22 -7.30
N ASP A 9 -7.23 5.61 -8.54
CA ASP A 9 -8.59 5.73 -9.03
C ASP A 9 -9.10 4.36 -9.43
N GLU A 10 -8.18 3.52 -9.87
CA GLU A 10 -8.49 2.14 -10.22
C GLU A 10 -8.23 1.23 -9.02
N CYS A 11 -8.02 1.85 -7.87
CA CYS A 11 -7.81 1.13 -6.63
C CYS A 11 -9.10 1.18 -5.81
N GLU A 12 -9.94 0.18 -5.99
CA GLU A 12 -11.24 0.13 -5.32
C GLU A 12 -11.08 0.00 -3.82
N VAL A 13 -10.02 -0.66 -3.41
CA VAL A 13 -9.77 -0.90 -2.00
C VAL A 13 -9.40 0.40 -1.29
N CYS A 14 -8.82 1.35 -2.02
CA CYS A 14 -8.51 2.66 -1.44
C CYS A 14 -9.82 3.39 -1.13
N ARG A 15 -10.78 3.23 -2.03
CA ARG A 15 -12.08 3.87 -1.88
C ARG A 15 -12.85 3.23 -0.74
N ASP A 16 -12.58 1.95 -0.52
CA ASP A 16 -13.16 1.21 0.60
C ASP A 16 -12.57 1.67 1.94
N GLY A 17 -11.47 2.39 1.87
CA GLY A 17 -10.78 2.80 3.08
C GLY A 17 -9.72 1.80 3.50
N GLY A 18 -9.22 1.06 2.53
CA GLY A 18 -8.22 0.05 2.79
C GLY A 18 -6.94 0.61 3.33
N GLU A 19 -6.27 -0.17 4.16
CA GLU A 19 -5.04 0.26 4.79
C GLU A 19 -3.83 -0.21 3.98
N LEU A 20 -2.88 0.69 3.82
CA LEU A 20 -1.66 0.37 3.09
C LEU A 20 -0.66 -0.30 4.02
N PHE A 21 -0.01 -1.35 3.54
CA PHE A 21 0.95 -2.09 4.34
C PHE A 21 2.36 -1.77 3.86
N CYS A 22 2.53 -0.55 3.40
CA CYS A 22 3.81 -0.08 2.88
C CYS A 22 4.10 1.33 3.38
N CYS A 23 5.35 1.74 3.26
CA CYS A 23 5.74 3.08 3.62
C CYS A 23 5.50 3.99 2.43
N ASP A 24 5.59 5.31 2.64
CA ASP A 24 5.27 6.29 1.60
C ASP A 24 5.94 5.97 0.27
N THR A 25 7.25 5.77 0.30
CA THR A 25 8.01 5.52 -0.92
C THR A 25 7.51 4.29 -1.66
N CYS A 26 7.36 3.18 -0.96
CA CYS A 26 6.97 1.92 -1.61
C CYS A 26 5.50 1.94 -2.03
N SER A 27 4.65 2.57 -1.23
CA SER A 27 3.22 2.61 -1.50
C SER A 27 2.92 3.34 -2.81
N ARG A 28 3.78 4.27 -3.18
CA ARG A 28 3.60 5.02 -4.41
C ARG A 28 4.14 4.27 -5.62
N VAL A 29 5.06 3.34 -5.36
CA VAL A 29 5.69 2.57 -6.42
C VAL A 29 4.95 1.25 -6.66
N PHE A 30 4.59 0.56 -5.59
CA PHE A 30 3.90 -0.72 -5.70
C PHE A 30 2.52 -0.62 -5.04
N HIS A 31 1.76 0.40 -5.42
CA HIS A 31 0.50 0.72 -4.77
C HIS A 31 -0.43 -0.49 -4.70
N GLU A 32 -0.61 -1.16 -5.83
CA GLU A 32 -1.59 -2.25 -5.91
C GLU A 32 -1.14 -3.44 -5.09
N ASP A 33 0.16 -3.71 -5.09
CA ASP A 33 0.71 -4.82 -4.34
C ASP A 33 0.74 -4.50 -2.85
N CYS A 34 0.79 -3.21 -2.53
CA CYS A 34 0.86 -2.76 -1.15
C CYS A 34 -0.51 -2.77 -0.49
N HIS A 35 -1.55 -3.11 -1.25
CA HIS A 35 -2.88 -3.33 -0.69
C HIS A 35 -3.14 -4.82 -0.55
N ILE A 36 -2.09 -5.61 -0.79
CA ILE A 36 -2.19 -7.06 -0.73
C ILE A 36 -1.12 -7.61 0.22
N PRO A 37 -1.49 -8.56 1.08
CA PRO A 37 -2.85 -9.09 1.20
C PRO A 37 -3.73 -8.20 2.09
N PRO A 38 -5.01 -8.02 1.70
CA PRO A 38 -5.96 -7.24 2.49
C PRO A 38 -6.17 -7.86 3.86
N VAL A 39 -6.26 -7.01 4.88
CA VAL A 39 -6.31 -7.46 6.27
C VAL A 39 -7.43 -8.49 6.49
N GLU A 40 -7.03 -9.68 6.90
CA GLU A 40 -7.97 -10.77 7.17
C GLU A 40 -7.47 -11.61 8.34
N ALA A 41 -6.19 -11.92 8.33
CA ALA A 41 -5.58 -12.68 9.42
C ALA A 41 -4.81 -11.74 10.35
N GLU A 42 -3.71 -11.20 9.86
CA GLU A 42 -2.91 -10.26 10.63
C GLU A 42 -2.10 -9.37 9.67
N ARG A 43 -2.22 -8.06 9.85
CA ARG A 43 -1.52 -7.10 9.01
C ARG A 43 -1.05 -5.92 9.84
N THR A 44 0.14 -5.42 9.55
CA THR A 44 0.66 -4.25 10.23
C THR A 44 0.76 -3.07 9.24
N PRO A 45 -0.23 -2.16 9.26
CA PRO A 45 -0.28 -1.02 8.34
C PRO A 45 0.82 0.01 8.61
N TRP A 46 1.35 0.00 9.83
CA TRP A 46 2.40 0.94 10.21
C TRP A 46 3.78 0.31 10.01
N ASN A 47 3.85 -0.71 9.17
CA ASN A 47 5.08 -1.43 8.93
C ASN A 47 5.15 -1.77 7.44
N CYS A 48 6.29 -1.54 6.81
CA CYS A 48 6.40 -1.72 5.37
C CYS A 48 6.87 -3.13 5.04
N ILE A 49 6.07 -3.85 4.25
CA ILE A 49 6.42 -5.20 3.83
C ILE A 49 7.34 -5.19 2.61
N PHE A 50 7.24 -4.15 1.80
CA PHE A 50 8.00 -4.08 0.56
C PHE A 50 9.44 -3.64 0.80
N CYS A 51 9.67 -2.86 1.85
CA CYS A 51 11.03 -2.40 2.17
C CYS A 51 11.98 -3.57 2.40
N ARG A 52 11.45 -4.71 2.83
CA ARG A 52 12.28 -5.88 3.07
C ARG A 52 12.36 -6.75 1.81
N MET A 53 11.73 -6.26 0.75
CA MET A 53 11.70 -6.98 -0.52
C MET A 53 12.52 -6.21 -1.55
N LYS A 54 13.55 -5.52 -1.07
CA LYS A 54 14.41 -4.71 -1.92
C LYS A 54 15.12 -5.58 -2.94
N GLU A 55 14.99 -5.20 -4.21
CA GLU A 55 15.61 -5.94 -5.30
C GLU A 55 16.20 -4.97 -6.31
N SER A 56 17.51 -4.79 -6.24
CA SER A 56 18.20 -3.85 -7.10
C SER A 56 19.24 -4.59 -7.96
ZN ZN B . 8.93 0.83 2.17
ZN ZN C . -4.72 2.11 -3.12
N GLY A 1 0.24 9.76 -11.09
CA GLY A 1 -1.03 10.51 -11.23
C GLY A 1 -0.90 11.65 -12.21
N ALA A 2 -2.03 12.18 -12.66
CA ALA A 2 -2.03 13.30 -13.60
C ALA A 2 -1.47 14.55 -12.93
N MET A 3 -1.80 14.72 -11.67
CA MET A 3 -1.33 15.86 -10.89
C MET A 3 -1.37 15.53 -9.40
N GLY A 4 -0.34 14.84 -8.94
CA GLY A 4 -0.29 14.45 -7.54
C GLY A 4 0.56 13.21 -7.35
N MET A 5 0.75 12.80 -6.09
CA MET A 5 1.56 11.64 -5.77
C MET A 5 0.75 10.64 -4.94
N ARG A 6 -0.54 10.56 -5.24
CA ARG A 6 -1.43 9.66 -4.52
C ARG A 6 -2.43 9.04 -5.50
N ASN A 7 -1.90 8.26 -6.44
CA ASN A 7 -2.72 7.62 -7.45
C ASN A 7 -3.46 6.42 -6.86
N LEU A 8 -4.65 6.68 -6.34
CA LEU A 8 -5.50 5.63 -5.79
C LEU A 8 -6.78 5.52 -6.58
N ASP A 9 -6.78 6.16 -7.74
CA ASP A 9 -7.97 6.28 -8.58
C ASP A 9 -8.37 4.93 -9.15
N GLU A 10 -7.37 4.11 -9.43
CA GLU A 10 -7.61 2.77 -9.95
C GLU A 10 -7.60 1.74 -8.82
N CYS A 11 -7.51 2.24 -7.60
CA CYS A 11 -7.46 1.40 -6.43
C CYS A 11 -8.81 1.40 -5.71
N GLU A 12 -9.66 0.45 -6.06
CA GLU A 12 -10.99 0.36 -5.48
C GLU A 12 -10.92 0.04 -3.99
N VAL A 13 -9.84 -0.58 -3.57
CA VAL A 13 -9.67 -0.89 -2.17
C VAL A 13 -9.41 0.37 -1.35
N CYS A 14 -8.76 1.37 -1.97
CA CYS A 14 -8.61 2.68 -1.33
C CYS A 14 -9.95 3.39 -1.25
N ARG A 15 -10.82 3.08 -2.21
CA ARG A 15 -12.16 3.63 -2.23
C ARG A 15 -12.94 3.13 -1.02
N ASP A 16 -12.69 1.87 -0.67
CA ASP A 16 -13.25 1.27 0.54
C ASP A 16 -12.54 1.76 1.79
N GLY A 17 -11.43 2.47 1.61
CA GLY A 17 -10.65 2.94 2.75
C GLY A 17 -9.68 1.89 3.25
N GLY A 18 -9.25 1.02 2.35
CA GLY A 18 -8.32 -0.03 2.69
C GLY A 18 -7.00 0.48 3.23
N GLU A 19 -6.33 -0.36 4.00
CA GLU A 19 -5.12 0.02 4.69
C GLU A 19 -3.89 -0.30 3.84
N LEU A 20 -2.82 0.45 4.08
CA LEU A 20 -1.57 0.25 3.39
C LEU A 20 -0.56 -0.43 4.29
N PHE A 21 0.16 -1.40 3.75
CA PHE A 21 1.16 -2.13 4.52
C PHE A 21 2.55 -1.80 3.98
N CYS A 22 2.69 -0.55 3.56
CA CYS A 22 3.93 -0.07 3.00
C CYS A 22 4.24 1.32 3.51
N CYS A 23 5.48 1.75 3.30
CA CYS A 23 5.87 3.11 3.60
C CYS A 23 5.52 3.99 2.40
N ASP A 24 5.51 5.30 2.57
CA ASP A 24 5.01 6.20 1.52
C ASP A 24 5.73 5.99 0.19
N THR A 25 7.05 5.77 0.26
CA THR A 25 7.84 5.58 -0.94
C THR A 25 7.38 4.34 -1.72
N CYS A 26 7.23 3.22 -1.02
CA CYS A 26 6.84 1.98 -1.69
C CYS A 26 5.37 1.99 -2.07
N SER A 27 4.55 2.68 -1.28
CA SER A 27 3.12 2.75 -1.55
C SER A 27 2.83 3.52 -2.82
N ARG A 28 3.79 4.32 -3.27
CA ARG A 28 3.67 5.02 -4.54
C ARG A 28 4.10 4.13 -5.70
N VAL A 29 5.03 3.22 -5.44
CA VAL A 29 5.61 2.40 -6.49
C VAL A 29 4.80 1.11 -6.69
N PHE A 30 4.45 0.46 -5.60
CA PHE A 30 3.71 -0.81 -5.67
C PHE A 30 2.39 -0.66 -4.93
N HIS A 31 1.67 0.40 -5.25
CA HIS A 31 0.46 0.77 -4.52
C HIS A 31 -0.51 -0.40 -4.39
N GLU A 32 -0.80 -1.05 -5.50
CA GLU A 32 -1.81 -2.11 -5.52
C GLU A 32 -1.37 -3.31 -4.69
N ASP A 33 -0.09 -3.63 -4.77
CA ASP A 33 0.47 -4.75 -4.02
C ASP A 33 0.55 -4.42 -2.53
N CYS A 34 0.68 -3.13 -2.25
CA CYS A 34 0.85 -2.66 -0.88
C CYS A 34 -0.47 -2.65 -0.10
N HIS A 35 -1.54 -3.06 -0.78
CA HIS A 35 -2.84 -3.23 -0.12
C HIS A 35 -3.08 -4.70 0.18
N ILE A 36 -2.16 -5.54 -0.25
CA ILE A 36 -2.27 -6.98 -0.09
C ILE A 36 -1.08 -7.51 0.71
N PRO A 37 -1.30 -8.42 1.68
CA PRO A 37 -2.63 -8.91 2.06
C PRO A 37 -3.31 -8.02 3.10
N PRO A 38 -4.62 -7.77 2.94
CA PRO A 38 -5.41 -6.98 3.90
C PRO A 38 -5.40 -7.60 5.30
N VAL A 39 -5.73 -6.79 6.30
CA VAL A 39 -5.72 -7.22 7.69
C VAL A 39 -6.78 -8.30 7.95
N GLU A 40 -6.38 -9.55 7.83
CA GLU A 40 -7.23 -10.67 8.16
C GLU A 40 -6.61 -11.48 9.29
N ALA A 41 -5.28 -11.56 9.28
CA ALA A 41 -4.54 -12.25 10.32
C ALA A 41 -3.07 -11.82 10.32
N GLU A 42 -2.64 -11.24 11.43
CA GLU A 42 -1.24 -10.86 11.64
C GLU A 42 -0.70 -9.96 10.53
N ARG A 43 -1.35 -8.82 10.36
CA ARG A 43 -0.90 -7.81 9.40
C ARG A 43 -0.56 -6.52 10.13
N THR A 44 0.60 -5.95 9.81
CA THR A 44 1.06 -4.77 10.52
C THR A 44 1.27 -3.60 9.54
N PRO A 45 0.34 -2.63 9.54
CA PRO A 45 0.43 -1.45 8.66
C PRO A 45 1.62 -0.54 9.00
N TRP A 46 2.14 -0.69 10.22
CA TRP A 46 3.26 0.14 10.66
C TRP A 46 4.60 -0.54 10.35
N ASN A 47 4.59 -1.43 9.38
CA ASN A 47 5.79 -2.08 8.89
C ASN A 47 5.69 -2.23 7.39
N CYS A 48 6.74 -1.88 6.67
CA CYS A 48 6.68 -1.90 5.23
C CYS A 48 7.12 -3.27 4.71
N ILE A 49 6.23 -3.94 3.99
CA ILE A 49 6.52 -5.28 3.50
C ILE A 49 7.46 -5.27 2.30
N PHE A 50 7.40 -4.21 1.51
CA PHE A 50 8.25 -4.11 0.33
C PHE A 50 9.67 -3.68 0.70
N CYS A 51 9.79 -2.88 1.76
CA CYS A 51 11.13 -2.50 2.24
C CYS A 51 11.89 -3.72 2.72
N ARG A 52 11.21 -4.62 3.42
CA ARG A 52 11.85 -5.83 3.92
C ARG A 52 12.03 -6.86 2.81
N MET A 53 11.69 -6.47 1.59
CA MET A 53 11.90 -7.32 0.42
C MET A 53 13.19 -6.90 -0.28
N LYS A 54 13.75 -5.78 0.16
CA LYS A 54 15.06 -5.34 -0.31
C LYS A 54 16.09 -6.44 -0.10
N GLU A 55 16.08 -7.02 1.10
CA GLU A 55 16.92 -8.16 1.41
C GLU A 55 16.40 -9.41 0.70
N SER A 56 16.81 -9.57 -0.54
CA SER A 56 16.41 -10.72 -1.32
C SER A 56 17.43 -11.84 -1.16
ZN ZN B . 8.93 0.83 1.97
ZN ZN C . -4.64 2.14 -2.68
N GLY A 1 -4.10 15.27 3.24
CA GLY A 1 -4.00 16.26 2.13
C GLY A 1 -4.66 15.74 0.87
N ALA A 2 -5.81 16.33 0.53
CA ALA A 2 -6.56 15.91 -0.63
C ALA A 2 -5.92 16.41 -1.93
N MET A 3 -5.16 17.49 -1.82
CA MET A 3 -4.50 18.07 -2.99
C MET A 3 -3.05 17.60 -3.08
N GLY A 4 -2.87 16.29 -3.22
CA GLY A 4 -1.54 15.75 -3.32
C GLY A 4 -1.47 14.61 -4.31
N MET A 5 -0.31 13.96 -4.37
CA MET A 5 -0.10 12.86 -5.29
C MET A 5 -0.76 11.59 -4.77
N ARG A 6 -2.04 11.43 -5.06
CA ARG A 6 -2.78 10.25 -4.62
C ARG A 6 -3.58 9.69 -5.79
N ASN A 7 -3.06 8.65 -6.43
CA ASN A 7 -3.81 7.99 -7.49
C ASN A 7 -4.60 6.84 -6.91
N LEU A 8 -5.60 7.18 -6.11
CA LEU A 8 -6.44 6.18 -5.47
C LEU A 8 -7.77 6.05 -6.21
N ASP A 9 -7.87 6.72 -7.34
CA ASP A 9 -9.08 6.70 -8.15
C ASP A 9 -9.21 5.34 -8.84
N GLU A 10 -8.07 4.73 -9.13
CA GLU A 10 -8.05 3.41 -9.73
C GLU A 10 -8.00 2.33 -8.66
N CYS A 11 -7.94 2.77 -7.41
CA CYS A 11 -7.83 1.86 -6.29
C CYS A 11 -9.15 1.73 -5.56
N GLU A 12 -9.90 0.69 -5.88
CA GLU A 12 -11.17 0.43 -5.21
C GLU A 12 -10.95 0.10 -3.75
N VAL A 13 -9.77 -0.40 -3.43
CA VAL A 13 -9.47 -0.78 -2.07
C VAL A 13 -9.32 0.46 -1.19
N CYS A 14 -8.54 1.44 -1.65
CA CYS A 14 -8.42 2.71 -0.93
C CYS A 14 -9.79 3.38 -0.83
N ARG A 15 -10.59 3.17 -1.87
CA ARG A 15 -11.92 3.74 -1.96
C ARG A 15 -12.83 3.12 -0.89
N ASP A 16 -12.67 1.82 -0.67
CA ASP A 16 -13.39 1.12 0.38
C ASP A 16 -12.75 1.33 1.75
N GLY A 17 -11.71 2.15 1.80
CA GLY A 17 -11.05 2.44 3.07
C GLY A 17 -10.02 1.37 3.46
N GLY A 18 -9.43 0.74 2.46
CA GLY A 18 -8.40 -0.25 2.68
C GLY A 18 -7.18 0.30 3.38
N GLU A 19 -6.38 -0.59 3.95
CA GLU A 19 -5.21 -0.22 4.73
C GLU A 19 -3.94 -0.40 3.90
N LEU A 20 -2.97 0.47 4.13
CA LEU A 20 -1.69 0.40 3.46
C LEU A 20 -0.62 -0.13 4.41
N PHE A 21 0.10 -1.16 3.99
CA PHE A 21 1.15 -1.75 4.81
C PHE A 21 2.52 -1.44 4.20
N CYS A 22 2.60 -0.27 3.58
CA CYS A 22 3.80 0.13 2.87
C CYS A 22 4.23 1.52 3.29
N CYS A 23 5.50 1.83 3.12
CA CYS A 23 6.00 3.16 3.41
C CYS A 23 5.71 4.07 2.23
N ASP A 24 5.80 5.38 2.43
CA ASP A 24 5.43 6.36 1.40
C ASP A 24 6.06 6.03 0.05
N THR A 25 7.33 5.64 0.08
CA THR A 25 8.06 5.33 -1.14
C THR A 25 7.50 4.10 -1.84
N CYS A 26 7.35 3.01 -1.09
CA CYS A 26 6.90 1.75 -1.68
C CYS A 26 5.43 1.82 -2.08
N SER A 27 4.63 2.58 -1.34
CA SER A 27 3.22 2.76 -1.66
C SER A 27 3.08 3.50 -2.99
N ARG A 28 4.04 4.36 -3.29
CA ARG A 28 4.06 5.09 -4.54
C ARG A 28 4.38 4.18 -5.72
N VAL A 29 5.24 3.20 -5.48
CA VAL A 29 5.70 2.32 -6.55
C VAL A 29 4.82 1.08 -6.66
N PHE A 30 4.50 0.47 -5.53
CA PHE A 30 3.75 -0.77 -5.51
C PHE A 30 2.40 -0.58 -4.81
N HIS A 31 1.67 0.45 -5.21
CA HIS A 31 0.38 0.74 -4.60
C HIS A 31 -0.58 -0.44 -4.78
N GLU A 32 -0.68 -0.92 -6.01
CA GLU A 32 -1.61 -2.02 -6.34
C GLU A 32 -1.23 -3.27 -5.56
N ASP A 33 0.06 -3.56 -5.51
CA ASP A 33 0.57 -4.73 -4.81
C ASP A 33 0.45 -4.58 -3.31
N CYS A 34 0.41 -3.33 -2.84
CA CYS A 34 0.27 -3.05 -1.42
C CYS A 34 -1.12 -3.44 -0.94
N HIS A 35 -2.07 -3.51 -1.87
CA HIS A 35 -3.44 -3.86 -1.53
C HIS A 35 -3.73 -5.30 -1.95
N ILE A 36 -2.97 -5.78 -2.93
CA ILE A 36 -3.19 -7.11 -3.46
C ILE A 36 -1.86 -7.86 -3.61
N PRO A 37 -1.64 -8.94 -2.84
CA PRO A 37 -2.54 -9.42 -1.78
C PRO A 37 -2.17 -8.83 -0.41
N PRO A 38 -3.17 -8.52 0.43
CA PRO A 38 -2.95 -7.99 1.77
C PRO A 38 -2.46 -9.05 2.74
N VAL A 39 -1.43 -8.73 3.52
CA VAL A 39 -0.95 -9.62 4.56
C VAL A 39 -1.87 -9.52 5.77
N GLU A 40 -2.02 -10.62 6.50
CA GLU A 40 -2.96 -10.65 7.62
C GLU A 40 -2.28 -11.01 8.94
N ALA A 41 -1.18 -11.75 8.86
CA ALA A 41 -0.48 -12.17 10.06
C ALA A 41 0.39 -11.05 10.62
N GLU A 42 0.99 -10.30 9.72
CA GLU A 42 1.84 -9.18 10.11
C GLU A 42 1.36 -7.90 9.45
N ARG A 43 0.05 -7.68 9.52
CA ARG A 43 -0.57 -6.52 8.89
C ARG A 43 -0.40 -5.27 9.75
N THR A 44 0.80 -4.75 9.76
CA THR A 44 1.12 -3.56 10.53
C THR A 44 1.33 -2.36 9.62
N PRO A 45 0.37 -1.42 9.59
CA PRO A 45 0.44 -0.23 8.73
C PRO A 45 1.59 0.71 9.10
N TRP A 46 2.07 0.59 10.34
CA TRP A 46 3.17 1.45 10.82
C TRP A 46 4.52 0.81 10.53
N ASN A 47 4.54 -0.14 9.61
CA ASN A 47 5.76 -0.83 9.22
C ASN A 47 5.67 -1.17 7.73
N CYS A 48 6.76 -1.03 7.00
CA CYS A 48 6.74 -1.34 5.59
C CYS A 48 7.16 -2.79 5.36
N ILE A 49 6.29 -3.56 4.72
CA ILE A 49 6.58 -4.95 4.42
C ILE A 49 7.43 -5.06 3.16
N PHE A 50 7.35 -4.07 2.28
CA PHE A 50 8.09 -4.12 1.01
C PHE A 50 9.56 -3.80 1.21
N CYS A 51 9.85 -2.88 2.13
CA CYS A 51 11.24 -2.56 2.44
C CYS A 51 11.94 -3.76 3.03
N ARG A 52 11.28 -4.42 3.98
CA ARG A 52 11.81 -5.61 4.61
C ARG A 52 11.67 -6.84 3.70
N MET A 53 10.89 -6.69 2.63
CA MET A 53 10.67 -7.79 1.68
C MET A 53 11.92 -7.98 0.83
N LYS A 54 12.57 -6.86 0.52
CA LYS A 54 13.81 -6.89 -0.24
C LYS A 54 14.98 -6.58 0.68
N GLU A 55 15.01 -7.30 1.79
CA GLU A 55 16.03 -7.10 2.79
C GLU A 55 16.76 -8.41 3.05
N SER A 56 18.08 -8.37 3.03
CA SER A 56 18.86 -9.57 3.28
C SER A 56 19.11 -9.69 4.79
ZN ZN B . 9.09 0.73 1.94
ZN ZN C . -4.71 2.10 -2.71
N GLY A 1 -6.50 17.98 -0.24
CA GLY A 1 -6.43 16.52 -0.49
C GLY A 1 -6.42 16.20 -1.97
N ALA A 2 -5.69 15.14 -2.34
CA ALA A 2 -5.60 14.68 -3.72
C ALA A 2 -5.16 15.80 -4.67
N MET A 3 -3.95 16.30 -4.48
CA MET A 3 -3.42 17.37 -5.31
C MET A 3 -1.96 17.10 -5.65
N GLY A 4 -1.66 15.83 -5.94
CA GLY A 4 -0.30 15.45 -6.28
C GLY A 4 -0.19 13.99 -6.63
N MET A 5 0.27 13.19 -5.68
CA MET A 5 0.42 11.76 -5.90
C MET A 5 -0.46 10.97 -4.94
N ARG A 6 -1.75 11.18 -5.06
CA ARG A 6 -2.71 10.48 -4.22
C ARG A 6 -3.62 9.64 -5.12
N ASN A 7 -3.01 8.83 -5.97
CA ASN A 7 -3.77 7.99 -6.91
C ASN A 7 -4.41 6.82 -6.20
N LEU A 8 -5.57 7.07 -5.63
CA LEU A 8 -6.36 6.01 -5.01
C LEU A 8 -7.76 5.99 -5.62
N ASP A 9 -7.90 6.70 -6.73
CA ASP A 9 -9.18 6.82 -7.41
C ASP A 9 -9.44 5.55 -8.23
N GLU A 10 -8.36 4.95 -8.69
CA GLU A 10 -8.43 3.69 -9.45
C GLU A 10 -8.34 2.50 -8.53
N CYS A 11 -8.19 2.78 -7.24
CA CYS A 11 -8.00 1.74 -6.25
C CYS A 11 -9.28 1.56 -5.44
N GLU A 12 -10.10 0.61 -5.86
CA GLU A 12 -11.40 0.39 -5.24
C GLU A 12 -11.27 -0.07 -3.80
N VAL A 13 -10.15 -0.68 -3.46
CA VAL A 13 -9.90 -1.08 -2.10
C VAL A 13 -9.61 0.15 -1.23
N CYS A 14 -8.83 1.09 -1.75
CA CYS A 14 -8.61 2.37 -1.06
C CYS A 14 -9.93 3.14 -0.96
N ARG A 15 -10.78 2.96 -1.97
CA ARG A 15 -12.10 3.58 -1.98
C ARG A 15 -12.95 3.01 -0.85
N ASP A 16 -12.77 1.73 -0.59
CA ASP A 16 -13.43 1.05 0.53
C ASP A 16 -12.79 1.44 1.86
N GLY A 17 -11.62 2.06 1.79
CA GLY A 17 -10.94 2.48 3.00
C GLY A 17 -9.82 1.53 3.39
N GLY A 18 -9.31 0.79 2.43
CA GLY A 18 -8.22 -0.15 2.67
C GLY A 18 -7.01 0.49 3.31
N GLU A 19 -6.26 -0.32 4.05
CA GLU A 19 -5.11 0.15 4.79
C GLU A 19 -3.82 -0.14 4.02
N LEU A 20 -2.88 0.78 4.09
CA LEU A 20 -1.60 0.64 3.41
C LEU A 20 -0.51 0.19 4.39
N PHE A 21 0.11 -0.94 4.09
CA PHE A 21 1.17 -1.47 4.94
C PHE A 21 2.53 -1.28 4.25
N CYS A 22 2.67 -0.14 3.61
CA CYS A 22 3.88 0.19 2.89
C CYS A 22 4.35 1.58 3.30
N CYS A 23 5.63 1.84 3.17
CA CYS A 23 6.17 3.14 3.48
C CYS A 23 5.91 4.07 2.29
N ASP A 24 6.02 5.38 2.51
CA ASP A 24 5.65 6.37 1.49
C ASP A 24 6.26 6.04 0.13
N THR A 25 7.53 5.65 0.14
CA THR A 25 8.24 5.33 -1.08
C THR A 25 7.61 4.12 -1.79
N CYS A 26 7.43 3.02 -1.06
CA CYS A 26 6.93 1.79 -1.67
C CYS A 26 5.45 1.89 -2.04
N SER A 27 4.69 2.65 -1.26
CA SER A 27 3.26 2.82 -1.53
C SER A 27 3.04 3.53 -2.85
N ARG A 28 4.01 4.35 -3.25
CA ARG A 28 3.96 5.04 -4.53
C ARG A 28 4.38 4.12 -5.67
N VAL A 29 5.38 3.28 -5.40
CA VAL A 29 5.92 2.41 -6.43
C VAL A 29 5.03 1.19 -6.64
N PHE A 30 4.62 0.56 -5.54
CA PHE A 30 3.84 -0.66 -5.60
C PHE A 30 2.50 -0.49 -4.89
N HIS A 31 1.76 0.54 -5.26
CA HIS A 31 0.47 0.81 -4.61
C HIS A 31 -0.48 -0.37 -4.78
N GLU A 32 -0.64 -0.83 -6.01
CA GLU A 32 -1.60 -1.89 -6.32
C GLU A 32 -1.19 -3.20 -5.63
N ASP A 33 0.12 -3.42 -5.58
CA ASP A 33 0.66 -4.63 -4.99
C ASP A 33 0.57 -4.55 -3.46
N CYS A 34 0.52 -3.34 -2.93
CA CYS A 34 0.48 -3.12 -1.48
C CYS A 34 -0.87 -3.56 -0.91
N HIS A 35 -1.85 -3.73 -1.77
CA HIS A 35 -3.19 -4.09 -1.33
C HIS A 35 -3.46 -5.58 -1.54
N ILE A 36 -2.44 -6.30 -1.98
CA ILE A 36 -2.57 -7.71 -2.28
C ILE A 36 -1.49 -8.51 -1.54
N PRO A 37 -1.87 -9.55 -0.79
CA PRO A 37 -3.26 -9.98 -0.62
C PRO A 37 -3.97 -9.20 0.50
N PRO A 38 -5.29 -9.38 0.65
CA PRO A 38 -6.04 -8.80 1.76
C PRO A 38 -5.42 -9.16 3.10
N VAL A 39 -5.25 -8.17 3.96
CA VAL A 39 -4.56 -8.38 5.22
C VAL A 39 -5.41 -9.21 6.18
N GLU A 40 -4.90 -10.37 6.53
CA GLU A 40 -5.56 -11.26 7.47
C GLU A 40 -4.50 -12.04 8.25
N ALA A 41 -3.77 -11.34 9.09
CA ALA A 41 -2.67 -11.92 9.85
C ALA A 41 -2.17 -10.95 10.91
N GLU A 42 -1.66 -9.82 10.44
CA GLU A 42 -1.13 -8.79 11.31
C GLU A 42 -1.24 -7.43 10.63
N ARG A 43 -1.85 -6.47 11.31
CA ARG A 43 -2.02 -5.13 10.75
C ARG A 43 -1.08 -4.15 11.43
N THR A 44 0.02 -3.84 10.77
CA THR A 44 0.98 -2.88 11.29
C THR A 44 1.24 -1.79 10.25
N PRO A 45 0.41 -0.72 10.25
CA PRO A 45 0.51 0.37 9.26
C PRO A 45 1.80 1.17 9.40
N TRP A 46 2.46 1.04 10.54
CA TRP A 46 3.71 1.75 10.79
C TRP A 46 4.91 0.87 10.43
N ASN A 47 4.67 -0.12 9.59
CA ASN A 47 5.72 -1.04 9.18
C ASN A 47 5.56 -1.37 7.70
N CYS A 48 6.63 -1.23 6.94
CA CYS A 48 6.55 -1.48 5.51
C CYS A 48 6.85 -2.95 5.20
N ILE A 49 5.90 -3.61 4.55
CA ILE A 49 6.06 -5.02 4.20
C ILE A 49 6.99 -5.21 3.00
N PHE A 50 7.04 -4.20 2.12
CA PHE A 50 7.86 -4.32 0.92
C PHE A 50 9.33 -4.06 1.20
N CYS A 51 9.61 -3.21 2.18
CA CYS A 51 10.99 -2.89 2.52
C CYS A 51 11.70 -4.10 3.16
N ARG A 52 11.07 -4.72 4.14
CA ARG A 52 11.67 -5.85 4.81
C ARG A 52 11.22 -7.18 4.20
N MET A 53 10.45 -7.08 3.12
CA MET A 53 9.96 -8.23 2.36
C MET A 53 9.23 -9.24 3.25
N LYS A 54 8.24 -8.77 3.99
CA LYS A 54 7.39 -9.65 4.78
C LYS A 54 6.57 -10.53 3.85
N GLU A 55 7.07 -11.72 3.58
CA GLU A 55 6.40 -12.65 2.70
C GLU A 55 6.33 -14.02 3.35
N SER A 56 5.14 -14.40 3.77
CA SER A 56 4.94 -15.68 4.44
C SER A 56 3.69 -16.37 3.90
ZN ZN B . 9.06 0.57 1.94
ZN ZN C . -4.72 1.77 -2.82
N GLY A 1 6.18 3.55 -11.45
CA GLY A 1 6.06 3.67 -9.98
C GLY A 1 6.76 4.90 -9.45
N ALA A 2 6.08 5.67 -8.60
CA ALA A 2 6.63 6.88 -7.99
C ALA A 2 6.98 7.92 -9.06
N MET A 3 6.09 8.06 -10.02
CA MET A 3 6.28 9.03 -11.09
C MET A 3 4.93 9.48 -11.64
N GLY A 4 3.87 9.13 -10.91
CA GLY A 4 2.53 9.47 -11.34
C GLY A 4 1.92 10.56 -10.48
N MET A 5 0.60 10.66 -10.51
CA MET A 5 -0.11 11.67 -9.74
C MET A 5 -1.16 11.02 -8.85
N ARG A 6 -0.68 10.21 -7.90
CA ARG A 6 -1.54 9.48 -6.98
C ARG A 6 -2.48 8.54 -7.75
N ASN A 7 -2.04 7.30 -7.92
CA ASN A 7 -2.81 6.31 -8.67
C ASN A 7 -3.88 5.69 -7.79
N LEU A 8 -4.05 6.26 -6.61
CA LEU A 8 -5.04 5.79 -5.64
C LEU A 8 -6.47 6.04 -6.13
N ASP A 9 -6.61 6.83 -7.19
CA ASP A 9 -7.91 7.06 -7.79
C ASP A 9 -8.37 5.80 -8.49
N GLU A 10 -7.40 5.09 -9.05
CA GLU A 10 -7.65 3.81 -9.71
C GLU A 10 -7.47 2.66 -8.72
N CYS A 11 -7.36 3.02 -7.45
CA CYS A 11 -7.25 2.06 -6.38
C CYS A 11 -8.58 1.96 -5.67
N GLU A 12 -9.40 1.01 -6.09
CA GLU A 12 -10.75 0.86 -5.58
C GLU A 12 -10.73 0.50 -4.11
N VAL A 13 -9.69 -0.22 -3.70
CA VAL A 13 -9.56 -0.62 -2.32
C VAL A 13 -9.26 0.57 -1.41
N CYS A 14 -8.65 1.62 -1.97
CA CYS A 14 -8.41 2.85 -1.22
C CYS A 14 -9.75 3.55 -0.94
N ARG A 15 -10.67 3.39 -1.86
CA ARG A 15 -12.01 3.98 -1.73
C ARG A 15 -12.79 3.26 -0.65
N ASP A 16 -12.56 1.96 -0.54
CA ASP A 16 -13.20 1.16 0.51
C ASP A 16 -12.52 1.35 1.85
N GLY A 17 -11.53 2.24 1.88
CA GLY A 17 -10.80 2.51 3.11
C GLY A 17 -9.92 1.34 3.50
N GLY A 18 -9.46 0.59 2.50
CA GLY A 18 -8.63 -0.56 2.75
C GLY A 18 -7.33 -0.23 3.45
N GLU A 19 -6.75 -1.22 4.09
CA GLU A 19 -5.53 -1.04 4.85
C GLU A 19 -4.33 -1.04 3.92
N LEU A 20 -3.27 -0.37 4.35
CA LEU A 20 -2.06 -0.23 3.55
C LEU A 20 -0.84 -0.59 4.39
N PHE A 21 0.01 -1.48 3.88
CA PHE A 21 1.15 -1.96 4.66
C PHE A 21 2.47 -1.54 4.03
N CYS A 22 2.52 -0.33 3.51
CA CYS A 22 3.73 0.18 2.87
C CYS A 22 4.00 1.62 3.25
N CYS A 23 5.25 2.02 3.08
CA CYS A 23 5.67 3.39 3.33
C CYS A 23 5.36 4.22 2.10
N ASP A 24 5.50 5.55 2.21
CA ASP A 24 5.18 6.45 1.10
C ASP A 24 5.91 6.03 -0.17
N THR A 25 7.21 5.75 -0.04
CA THR A 25 8.05 5.43 -1.18
C THR A 25 7.58 4.16 -1.90
N CYS A 26 7.37 3.07 -1.16
CA CYS A 26 6.95 1.82 -1.77
C CYS A 26 5.50 1.89 -2.24
N SER A 27 4.67 2.65 -1.52
CA SER A 27 3.27 2.81 -1.88
C SER A 27 3.14 3.50 -3.22
N ARG A 28 4.11 4.35 -3.55
CA ARG A 28 4.12 5.02 -4.83
C ARG A 28 4.45 4.05 -5.96
N VAL A 29 5.25 3.04 -5.65
CA VAL A 29 5.75 2.12 -6.66
C VAL A 29 4.85 0.88 -6.80
N PHE A 30 4.46 0.29 -5.68
CA PHE A 30 3.66 -0.93 -5.69
C PHE A 30 2.36 -0.73 -4.94
N HIS A 31 1.70 0.40 -5.21
CA HIS A 31 0.50 0.80 -4.47
C HIS A 31 -0.52 -0.34 -4.39
N GLU A 32 -0.82 -0.95 -5.52
CA GLU A 32 -1.86 -1.96 -5.58
C GLU A 32 -1.46 -3.19 -4.78
N ASP A 33 -0.21 -3.60 -4.98
CA ASP A 33 0.34 -4.78 -4.32
C ASP A 33 0.45 -4.54 -2.83
N CYS A 34 0.56 -3.28 -2.45
CA CYS A 34 0.67 -2.88 -1.06
C CYS A 34 -0.67 -2.91 -0.35
N HIS A 35 -1.75 -3.13 -1.12
CA HIS A 35 -3.08 -3.27 -0.54
C HIS A 35 -3.51 -4.73 -0.53
N ILE A 36 -3.20 -5.43 -1.62
CA ILE A 36 -3.65 -6.80 -1.79
C ILE A 36 -2.54 -7.69 -2.35
N PRO A 37 -2.41 -8.92 -1.82
CA PRO A 37 -3.21 -9.38 -0.69
C PRO A 37 -2.68 -8.79 0.62
N PRO A 38 -3.58 -8.37 1.52
CA PRO A 38 -3.17 -7.81 2.81
C PRO A 38 -2.59 -8.88 3.71
N VAL A 39 -1.43 -8.59 4.30
CA VAL A 39 -0.79 -9.56 5.18
C VAL A 39 -1.56 -9.69 6.49
N GLU A 40 -1.96 -10.90 6.81
CA GLU A 40 -2.80 -11.15 7.98
C GLU A 40 -1.96 -11.33 9.24
N ALA A 41 -0.79 -11.92 9.08
CA ALA A 41 0.07 -12.21 10.22
C ALA A 41 0.99 -11.03 10.51
N GLU A 42 1.54 -10.45 9.46
CA GLU A 42 2.48 -9.35 9.59
C GLU A 42 1.78 -8.02 9.33
N ARG A 43 0.54 -7.93 9.81
CA ARG A 43 -0.25 -6.73 9.62
C ARG A 43 0.21 -5.61 10.56
N THR A 44 1.34 -5.03 10.22
CA THR A 44 1.91 -3.96 11.00
C THR A 44 1.96 -2.67 10.19
N PRO A 45 1.03 -1.73 10.43
CA PRO A 45 0.93 -0.49 9.66
C PRO A 45 2.13 0.43 9.86
N TRP A 46 2.83 0.26 10.98
CA TRP A 46 3.98 1.11 11.29
C TRP A 46 5.27 0.50 10.71
N ASN A 47 5.12 -0.56 9.95
CA ASN A 47 6.25 -1.24 9.34
C ASN A 47 5.97 -1.46 7.86
N CYS A 48 6.96 -1.21 7.01
CA CYS A 48 6.78 -1.41 5.58
C CYS A 48 7.29 -2.79 5.18
N ILE A 49 6.42 -3.61 4.61
CA ILE A 49 6.78 -4.97 4.25
C ILE A 49 7.59 -5.03 2.97
N PHE A 50 7.42 -4.03 2.11
CA PHE A 50 8.16 -3.98 0.86
C PHE A 50 9.59 -3.49 1.08
N CYS A 51 9.78 -2.64 2.10
CA CYS A 51 11.11 -2.14 2.43
C CYS A 51 12.04 -3.29 2.88
N ARG A 52 11.47 -4.35 3.41
CA ARG A 52 12.27 -5.50 3.81
C ARG A 52 12.19 -6.59 2.73
N MET A 53 11.49 -6.28 1.65
CA MET A 53 11.32 -7.22 0.55
C MET A 53 12.39 -6.99 -0.50
N LYS A 54 12.67 -5.72 -0.80
CA LYS A 54 13.64 -5.35 -1.83
C LYS A 54 13.23 -5.93 -3.18
N GLU A 55 12.43 -5.18 -3.91
CA GLU A 55 11.93 -5.61 -5.20
C GLU A 55 11.98 -4.47 -6.20
N SER A 56 12.75 -4.65 -7.25
CA SER A 56 12.87 -3.65 -8.30
C SER A 56 13.24 -4.34 -9.60
ZN ZN B . 8.83 0.98 2.00
ZN ZN C . -4.47 2.46 -2.55
N GLY A 1 6.53 16.68 0.64
CA GLY A 1 7.01 15.31 0.91
C GLY A 1 6.55 14.31 -0.13
N ALA A 2 5.66 13.42 0.26
CA ALA A 2 5.16 12.40 -0.65
C ALA A 2 3.65 12.23 -0.49
N MET A 3 3.01 13.22 0.12
CA MET A 3 1.58 13.14 0.40
C MET A 3 0.79 13.84 -0.71
N GLY A 4 1.49 14.51 -1.60
CA GLY A 4 0.83 15.27 -2.65
C GLY A 4 0.34 14.41 -3.77
N MET A 5 1.23 13.64 -4.37
CA MET A 5 0.87 12.78 -5.49
C MET A 5 0.65 11.34 -5.01
N ARG A 6 -0.54 11.08 -4.52
CA ARG A 6 -0.93 9.75 -4.10
C ARG A 6 -2.01 9.21 -5.02
N ASN A 7 -1.58 8.68 -6.15
CA ASN A 7 -2.52 8.15 -7.14
C ASN A 7 -3.21 6.90 -6.63
N LEU A 8 -4.40 7.09 -6.08
CA LEU A 8 -5.18 6.01 -5.51
C LEU A 8 -6.56 5.97 -6.13
N ASP A 9 -6.67 6.56 -7.31
CA ASP A 9 -7.95 6.70 -8.00
C ASP A 9 -8.40 5.39 -8.62
N GLU A 10 -7.45 4.64 -9.16
CA GLU A 10 -7.74 3.33 -9.76
C GLU A 10 -7.65 2.23 -8.71
N CYS A 11 -7.55 2.63 -7.47
CA CYS A 11 -7.41 1.70 -6.37
C CYS A 11 -8.74 1.55 -5.65
N GLU A 12 -9.48 0.53 -6.03
CA GLU A 12 -10.81 0.29 -5.47
C GLU A 12 -10.74 0.05 -3.99
N VAL A 13 -9.67 -0.59 -3.55
CA VAL A 13 -9.51 -0.93 -2.15
C VAL A 13 -9.31 0.32 -1.29
N CYS A 14 -8.69 1.36 -1.86
CA CYS A 14 -8.57 2.64 -1.16
C CYS A 14 -9.94 3.23 -0.94
N ARG A 15 -10.82 3.02 -1.92
CA ARG A 15 -12.18 3.52 -1.85
C ARG A 15 -12.97 2.75 -0.81
N ASP A 16 -12.69 1.45 -0.71
CA ASP A 16 -13.31 0.60 0.30
C ASP A 16 -12.72 0.84 1.69
N GLY A 17 -11.83 1.81 1.78
CA GLY A 17 -11.25 2.16 3.07
C GLY A 17 -10.13 1.23 3.49
N GLY A 18 -9.52 0.58 2.52
CA GLY A 18 -8.42 -0.32 2.80
C GLY A 18 -7.19 0.40 3.29
N GLU A 19 -6.36 -0.30 4.04
CA GLU A 19 -5.19 0.31 4.65
C GLU A 19 -3.93 -0.04 3.87
N LEU A 20 -2.93 0.83 4.00
CA LEU A 20 -1.65 0.63 3.34
C LEU A 20 -0.66 -0.07 4.26
N PHE A 21 0.06 -1.05 3.73
CA PHE A 21 1.06 -1.76 4.50
C PHE A 21 2.44 -1.47 3.92
N CYS A 22 2.60 -0.25 3.42
CA CYS A 22 3.85 0.18 2.81
C CYS A 22 4.23 1.55 3.28
N CYS A 23 5.52 1.85 3.19
CA CYS A 23 6.03 3.17 3.49
C CYS A 23 5.83 4.05 2.26
N ASP A 24 5.99 5.37 2.41
CA ASP A 24 5.71 6.32 1.32
C ASP A 24 6.41 5.91 0.02
N THR A 25 7.70 5.61 0.12
CA THR A 25 8.51 5.30 -1.06
C THR A 25 7.98 4.07 -1.81
N CYS A 26 7.65 3.01 -1.08
CA CYS A 26 7.15 1.79 -1.72
C CYS A 26 5.71 1.95 -2.20
N SER A 27 4.90 2.66 -1.42
CA SER A 27 3.48 2.81 -1.72
C SER A 27 3.26 3.51 -3.05
N ARG A 28 4.15 4.44 -3.38
CA ARG A 28 4.02 5.20 -4.61
C ARG A 28 4.39 4.36 -5.83
N VAL A 29 5.11 3.26 -5.61
CA VAL A 29 5.56 2.41 -6.69
C VAL A 29 4.70 1.15 -6.81
N PHE A 30 4.37 0.54 -5.69
CA PHE A 30 3.61 -0.71 -5.69
C PHE A 30 2.30 -0.54 -4.94
N HIS A 31 1.62 0.58 -5.20
CA HIS A 31 0.40 0.95 -4.46
C HIS A 31 -0.60 -0.20 -4.40
N GLU A 32 -0.88 -0.81 -5.54
CA GLU A 32 -1.90 -1.85 -5.62
C GLU A 32 -1.51 -3.08 -4.80
N ASP A 33 -0.22 -3.40 -4.82
CA ASP A 33 0.29 -4.56 -4.10
C ASP A 33 0.44 -4.24 -2.63
N CYS A 34 0.59 -2.97 -2.33
CA CYS A 34 0.79 -2.51 -0.96
C CYS A 34 -0.51 -2.50 -0.16
N HIS A 35 -1.60 -2.89 -0.81
CA HIS A 35 -2.88 -3.07 -0.14
C HIS A 35 -3.17 -4.54 0.10
N ILE A 36 -2.21 -5.39 -0.26
CA ILE A 36 -2.37 -6.83 -0.16
C ILE A 36 -1.18 -7.45 0.59
N PRO A 37 -1.46 -8.30 1.60
CA PRO A 37 -2.81 -8.63 2.04
C PRO A 37 -3.35 -7.65 3.07
N PRO A 38 -4.68 -7.40 3.06
CA PRO A 38 -5.32 -6.53 4.04
C PRO A 38 -5.31 -7.14 5.44
N VAL A 39 -5.38 -6.29 6.46
CA VAL A 39 -5.36 -6.77 7.83
C VAL A 39 -6.67 -7.46 8.19
N GLU A 40 -6.59 -8.78 8.30
CA GLU A 40 -7.73 -9.60 8.65
C GLU A 40 -7.29 -10.68 9.64
N ALA A 41 -6.22 -11.38 9.29
CA ALA A 41 -5.66 -12.39 10.17
C ALA A 41 -4.56 -11.79 11.03
N GLU A 42 -3.79 -10.89 10.41
CA GLU A 42 -2.68 -10.24 11.08
C GLU A 42 -2.20 -9.06 10.24
N ARG A 43 -0.92 -8.72 10.37
CA ARG A 43 -0.28 -7.63 9.64
C ARG A 43 -0.62 -6.28 10.24
N THR A 44 0.42 -5.49 10.43
CA THR A 44 0.31 -4.17 11.03
C THR A 44 0.52 -3.09 9.97
N PRO A 45 -0.42 -2.14 9.84
CA PRO A 45 -0.35 -1.09 8.81
C PRO A 45 0.85 -0.15 8.98
N TRP A 46 1.45 -0.14 10.16
CA TRP A 46 2.60 0.75 10.42
C TRP A 46 3.92 0.03 10.16
N ASN A 47 3.87 -0.98 9.32
CA ASN A 47 5.06 -1.74 8.94
C ASN A 47 5.05 -1.95 7.43
N CYS A 48 6.17 -1.67 6.77
CA CYS A 48 6.22 -1.80 5.33
C CYS A 48 6.58 -3.22 4.95
N ILE A 49 5.70 -3.87 4.19
CA ILE A 49 5.93 -5.26 3.80
C ILE A 49 6.88 -5.35 2.62
N PHE A 50 6.90 -4.32 1.78
CA PHE A 50 7.77 -4.33 0.61
C PHE A 50 9.21 -4.03 0.98
N CYS A 51 9.41 -3.24 2.04
CA CYS A 51 10.75 -3.01 2.56
C CYS A 51 11.34 -4.29 3.12
N ARG A 52 10.52 -5.04 3.86
CA ARG A 52 10.96 -6.33 4.41
C ARG A 52 10.99 -7.41 3.34
N MET A 53 10.42 -7.11 2.17
CA MET A 53 10.37 -8.06 1.07
C MET A 53 11.18 -7.53 -0.10
N LYS A 54 12.25 -6.82 0.23
CA LYS A 54 13.11 -6.23 -0.78
C LYS A 54 14.45 -6.96 -0.78
N GLU A 55 14.48 -8.10 -1.44
CA GLU A 55 15.66 -8.94 -1.49
C GLU A 55 15.79 -9.57 -2.87
N SER A 56 16.28 -8.79 -3.81
CA SER A 56 16.51 -9.29 -5.16
C SER A 56 17.64 -8.49 -5.80
ZN ZN B . 8.95 0.53 2.09
ZN ZN C . -4.66 2.38 -2.58
N GLY A 1 -6.77 16.73 -8.75
CA GLY A 1 -7.71 17.16 -9.82
C GLY A 1 -7.58 16.31 -11.06
N ALA A 2 -8.36 15.25 -11.14
CA ALA A 2 -8.31 14.35 -12.28
C ALA A 2 -9.72 13.89 -12.66
N MET A 3 -10.60 14.87 -12.88
CA MET A 3 -11.98 14.60 -13.30
C MET A 3 -12.74 13.88 -12.18
N GLY A 4 -12.89 14.58 -11.06
CA GLY A 4 -13.60 14.04 -9.92
C GLY A 4 -13.13 14.67 -8.62
N MET A 5 -13.36 13.97 -7.51
CA MET A 5 -12.87 14.44 -6.21
C MET A 5 -11.86 13.47 -5.64
N ARG A 6 -12.33 12.31 -5.22
CA ARG A 6 -11.44 11.25 -4.77
C ARG A 6 -11.49 10.09 -5.74
N ASN A 7 -11.04 10.33 -6.96
CA ASN A 7 -11.05 9.31 -7.99
C ASN A 7 -9.85 8.39 -7.83
N LEU A 8 -8.87 8.87 -7.04
CA LEU A 8 -7.74 8.06 -6.58
C LEU A 8 -6.83 7.63 -7.73
N ASP A 9 -5.89 6.75 -7.42
CA ASP A 9 -4.92 6.25 -8.37
C ASP A 9 -5.48 5.05 -9.14
N GLU A 10 -6.81 4.90 -9.07
CA GLU A 10 -7.53 3.74 -9.62
C GLU A 10 -7.43 2.56 -8.67
N CYS A 11 -7.39 2.88 -7.39
CA CYS A 11 -7.31 1.89 -6.35
C CYS A 11 -8.66 1.76 -5.67
N GLU A 12 -9.46 0.82 -6.15
CA GLU A 12 -10.81 0.62 -5.63
C GLU A 12 -10.80 0.15 -4.19
N VAL A 13 -9.71 -0.47 -3.77
CA VAL A 13 -9.58 -0.91 -2.40
C VAL A 13 -9.40 0.30 -1.46
N CYS A 14 -8.76 1.36 -1.97
CA CYS A 14 -8.70 2.62 -1.23
C CYS A 14 -10.09 3.22 -1.10
N ARG A 15 -10.91 2.98 -2.12
CA ARG A 15 -12.30 3.41 -2.10
C ARG A 15 -13.06 2.69 -0.99
N ASP A 16 -12.69 1.43 -0.79
CA ASP A 16 -13.23 0.63 0.31
C ASP A 16 -12.64 1.04 1.66
N GLY A 17 -11.66 1.93 1.62
CA GLY A 17 -11.02 2.37 2.84
C GLY A 17 -9.88 1.46 3.26
N GLY A 18 -9.35 0.72 2.30
CA GLY A 18 -8.28 -0.22 2.57
C GLY A 18 -7.04 0.44 3.15
N GLU A 19 -6.35 -0.29 4.00
CA GLU A 19 -5.17 0.21 4.69
C GLU A 19 -3.89 -0.09 3.89
N LEU A 20 -2.86 0.69 4.17
CA LEU A 20 -1.57 0.52 3.51
C LEU A 20 -0.57 -0.14 4.44
N PHE A 21 0.17 -1.10 3.92
CA PHE A 21 1.16 -1.82 4.69
C PHE A 21 2.55 -1.58 4.11
N CYS A 22 2.75 -0.39 3.58
CA CYS A 22 4.00 -0.01 2.95
C CYS A 22 4.45 1.36 3.41
N CYS A 23 5.72 1.65 3.17
CA CYS A 23 6.23 2.98 3.42
C CYS A 23 5.82 3.90 2.26
N ASP A 24 5.90 5.20 2.45
CA ASP A 24 5.43 6.15 1.43
C ASP A 24 6.09 5.87 0.08
N THR A 25 7.40 5.60 0.12
CA THR A 25 8.18 5.35 -1.07
C THR A 25 7.62 4.16 -1.88
N CYS A 26 7.38 3.04 -1.20
CA CYS A 26 6.88 1.84 -1.89
C CYS A 26 5.41 2.00 -2.27
N SER A 27 4.65 2.73 -1.45
CA SER A 27 3.22 2.90 -1.70
C SER A 27 2.99 3.67 -2.99
N ARG A 28 3.96 4.48 -3.39
CA ARG A 28 3.86 5.22 -4.63
C ARG A 28 4.24 4.36 -5.83
N VAL A 29 4.97 3.28 -5.56
CA VAL A 29 5.43 2.40 -6.64
C VAL A 29 4.54 1.16 -6.76
N PHE A 30 4.27 0.50 -5.65
CA PHE A 30 3.51 -0.74 -5.66
C PHE A 30 2.22 -0.57 -4.87
N HIS A 31 1.57 0.57 -5.07
CA HIS A 31 0.37 0.95 -4.32
C HIS A 31 -0.63 -0.21 -4.23
N GLU A 32 -0.91 -0.81 -5.37
CA GLU A 32 -1.97 -1.82 -5.45
C GLU A 32 -1.62 -3.07 -4.64
N ASP A 33 -0.37 -3.50 -4.72
CA ASP A 33 0.08 -4.67 -3.98
C ASP A 33 0.31 -4.34 -2.51
N CYS A 34 0.55 -3.07 -2.23
CA CYS A 34 0.79 -2.60 -0.88
C CYS A 34 -0.49 -2.56 -0.04
N HIS A 35 -1.60 -2.89 -0.67
CA HIS A 35 -2.88 -3.02 0.04
C HIS A 35 -3.13 -4.46 0.44
N ILE A 36 -2.22 -5.33 0.04
CA ILE A 36 -2.31 -6.75 0.36
C ILE A 36 -1.18 -7.14 1.31
N PRO A 37 -1.46 -7.93 2.36
CA PRO A 37 -2.79 -8.43 2.68
C PRO A 37 -3.58 -7.44 3.55
N PRO A 38 -4.86 -7.21 3.23
CA PRO A 38 -5.73 -6.28 3.97
C PRO A 38 -5.78 -6.57 5.47
N VAL A 39 -6.14 -5.57 6.25
CA VAL A 39 -6.16 -5.71 7.71
C VAL A 39 -7.39 -6.47 8.19
N GLU A 40 -7.22 -7.75 8.42
CA GLU A 40 -8.25 -8.56 9.05
C GLU A 40 -7.97 -8.71 10.53
N ALA A 41 -6.71 -8.49 10.90
CA ALA A 41 -6.29 -8.60 12.29
C ALA A 41 -5.60 -7.31 12.75
N GLU A 42 -4.42 -7.03 12.23
CA GLU A 42 -3.64 -5.88 12.65
C GLU A 42 -3.16 -5.06 11.46
N ARG A 43 -2.99 -3.76 11.68
CA ARG A 43 -2.48 -2.87 10.65
C ARG A 43 -1.28 -2.10 11.18
N THR A 44 -0.15 -2.23 10.50
CA THR A 44 1.06 -1.53 10.90
C THR A 44 1.60 -0.67 9.77
N PRO A 45 1.05 0.54 9.59
CA PRO A 45 1.48 1.46 8.52
C PRO A 45 2.89 2.00 8.73
N TRP A 46 3.43 1.78 9.92
CA TRP A 46 4.79 2.21 10.24
C TRP A 46 5.80 1.12 9.89
N ASN A 47 5.31 0.03 9.31
CA ASN A 47 6.17 -1.08 8.93
C ASN A 47 5.93 -1.43 7.47
N CYS A 48 6.98 -1.43 6.67
CA CYS A 48 6.84 -1.70 5.25
C CYS A 48 7.19 -3.16 4.95
N ILE A 49 6.24 -3.88 4.36
CA ILE A 49 6.45 -5.27 4.01
C ILE A 49 7.28 -5.40 2.74
N PHE A 50 7.23 -4.37 1.88
CA PHE A 50 7.98 -4.40 0.63
C PHE A 50 9.44 -4.07 0.87
N CYS A 51 9.72 -3.23 1.86
CA CYS A 51 11.11 -2.95 2.21
C CYS A 51 11.76 -4.15 2.89
N ARG A 52 10.98 -4.89 3.67
CA ARG A 52 11.49 -6.09 4.33
C ARG A 52 11.61 -7.28 3.38
N MET A 53 11.54 -7.03 2.08
CA MET A 53 11.77 -8.10 1.12
C MET A 53 13.26 -8.19 0.79
N LYS A 54 14.03 -7.28 1.39
CA LYS A 54 15.46 -7.24 1.18
C LYS A 54 16.17 -7.65 2.47
N GLU A 55 15.91 -8.87 2.92
CA GLU A 55 16.54 -9.38 4.13
C GLU A 55 17.54 -10.47 3.78
N SER A 56 18.50 -10.11 2.96
CA SER A 56 19.53 -11.04 2.51
C SER A 56 20.91 -10.49 2.84
ZN ZN B . 9.09 0.48 1.59
ZN ZN C . -4.70 2.38 -2.44
N GLY A 1 2.35 17.42 -7.19
CA GLY A 1 1.41 18.32 -6.49
C GLY A 1 0.27 17.56 -5.85
N ALA A 2 -0.95 18.10 -5.97
CA ALA A 2 -2.11 17.51 -5.33
C ALA A 2 -2.92 16.66 -6.30
N MET A 3 -2.33 16.39 -7.46
CA MET A 3 -3.00 15.58 -8.48
C MET A 3 -1.97 14.81 -9.29
N GLY A 4 -1.13 14.07 -8.58
CA GLY A 4 -0.13 13.26 -9.24
C GLY A 4 -0.30 11.79 -8.93
N MET A 5 -0.26 11.45 -7.65
CA MET A 5 -0.42 10.07 -7.21
C MET A 5 -1.90 9.73 -7.07
N ARG A 6 -2.64 9.95 -8.14
CA ARG A 6 -4.08 9.70 -8.15
C ARG A 6 -4.36 8.27 -8.60
N ASN A 7 -3.45 7.37 -8.24
CA ASN A 7 -3.58 5.96 -8.59
C ASN A 7 -4.58 5.29 -7.66
N LEU A 8 -4.86 5.97 -6.54
CA LEU A 8 -5.77 5.47 -5.53
C LEU A 8 -7.23 5.67 -5.96
N ASP A 9 -7.43 6.38 -7.06
CA ASP A 9 -8.76 6.65 -7.56
C ASP A 9 -9.31 5.42 -8.28
N GLU A 10 -8.40 4.69 -8.91
CA GLU A 10 -8.74 3.46 -9.60
C GLU A 10 -8.37 2.25 -8.73
N CYS A 11 -8.18 2.53 -7.46
CA CYS A 11 -7.84 1.54 -6.47
C CYS A 11 -9.09 1.23 -5.65
N GLU A 12 -9.76 0.15 -6.02
CA GLU A 12 -11.04 -0.24 -5.41
C GLU A 12 -10.95 -0.28 -3.90
N VAL A 13 -9.87 -0.87 -3.42
CA VAL A 13 -9.70 -1.08 -1.99
C VAL A 13 -9.47 0.27 -1.27
N CYS A 14 -8.88 1.23 -1.97
CA CYS A 14 -8.71 2.57 -1.42
C CYS A 14 -10.05 3.28 -1.27
N ARG A 15 -10.98 2.92 -2.15
CA ARG A 15 -12.32 3.49 -2.12
C ARG A 15 -13.05 2.99 -0.88
N ASP A 16 -12.78 1.74 -0.52
CA ASP A 16 -13.36 1.14 0.68
C ASP A 16 -12.61 1.56 1.93
N GLY A 17 -11.59 2.40 1.76
CA GLY A 17 -10.81 2.87 2.89
C GLY A 17 -9.83 1.85 3.40
N GLY A 18 -9.29 1.04 2.49
CA GLY A 18 -8.31 0.03 2.84
C GLY A 18 -7.05 0.63 3.42
N GLU A 19 -6.24 -0.22 4.04
CA GLU A 19 -5.02 0.23 4.70
C GLU A 19 -3.80 -0.17 3.90
N LEU A 20 -2.84 0.72 3.85
CA LEU A 20 -1.58 0.47 3.16
C LEU A 20 -0.59 -0.20 4.10
N PHE A 21 0.18 -1.14 3.57
CA PHE A 21 1.19 -1.85 4.36
C PHE A 21 2.58 -1.50 3.84
N CYS A 22 2.73 -0.24 3.42
CA CYS A 22 3.97 0.23 2.82
C CYS A 22 4.31 1.65 3.24
N CYS A 23 5.59 2.00 3.10
CA CYS A 23 6.06 3.37 3.33
C CYS A 23 5.52 4.28 2.23
N ASP A 24 5.56 5.60 2.42
CA ASP A 24 5.10 6.54 1.39
C ASP A 24 5.74 6.24 0.04
N THR A 25 7.05 6.08 0.04
CA THR A 25 7.80 5.79 -1.17
C THR A 25 7.45 4.40 -1.72
N CYS A 26 7.43 3.39 -0.86
CA CYS A 26 7.15 2.03 -1.27
C CYS A 26 5.72 1.92 -1.83
N SER A 27 4.79 2.61 -1.18
CA SER A 27 3.41 2.65 -1.61
C SER A 27 3.26 3.38 -2.94
N ARG A 28 4.16 4.33 -3.19
CA ARG A 28 4.13 5.10 -4.41
C ARG A 28 4.62 4.27 -5.59
N VAL A 29 5.36 3.21 -5.29
CA VAL A 29 5.87 2.33 -6.33
C VAL A 29 4.97 1.10 -6.51
N PHE A 30 4.56 0.50 -5.40
CA PHE A 30 3.78 -0.74 -5.45
C PHE A 30 2.41 -0.56 -4.81
N HIS A 31 1.76 0.57 -5.10
CA HIS A 31 0.49 0.91 -4.45
C HIS A 31 -0.50 -0.25 -4.48
N GLU A 32 -0.68 -0.82 -5.66
CA GLU A 32 -1.69 -1.86 -5.86
C GLU A 32 -1.39 -3.08 -5.00
N ASP A 33 -0.12 -3.48 -4.96
CA ASP A 33 0.31 -4.65 -4.22
C ASP A 33 0.41 -4.36 -2.72
N CYS A 34 0.63 -3.08 -2.39
CA CYS A 34 0.78 -2.65 -1.01
C CYS A 34 -0.56 -2.63 -0.27
N HIS A 35 -1.61 -3.07 -0.96
CA HIS A 35 -2.93 -3.23 -0.35
C HIS A 35 -3.20 -4.69 -0.04
N ILE A 36 -2.28 -5.55 -0.46
CA ILE A 36 -2.39 -6.99 -0.27
C ILE A 36 -1.27 -7.48 0.65
N PRO A 37 -1.57 -8.36 1.61
CA PRO A 37 -2.91 -8.91 1.85
C PRO A 37 -3.83 -7.92 2.54
N PRO A 38 -5.05 -7.73 1.99
CA PRO A 38 -6.02 -6.77 2.53
C PRO A 38 -6.29 -7.00 4.01
N VAL A 39 -6.33 -5.91 4.78
CA VAL A 39 -6.52 -5.99 6.22
C VAL A 39 -7.94 -6.43 6.57
N GLU A 40 -8.03 -7.55 7.27
CA GLU A 40 -9.29 -8.02 7.80
C GLU A 40 -9.31 -7.79 9.31
N ALA A 41 -8.16 -8.03 9.93
CA ALA A 41 -7.97 -7.81 11.36
C ALA A 41 -6.53 -8.09 11.78
N GLU A 42 -5.94 -9.09 11.16
CA GLU A 42 -4.62 -9.58 11.57
C GLU A 42 -3.51 -9.04 10.68
N ARG A 43 -3.54 -7.75 10.42
CA ARG A 43 -2.53 -7.13 9.58
C ARG A 43 -2.07 -5.82 10.21
N THR A 44 -0.77 -5.58 10.19
CA THR A 44 -0.20 -4.39 10.79
C THR A 44 0.15 -3.35 9.72
N PRO A 45 -0.59 -2.23 9.68
CA PRO A 45 -0.39 -1.18 8.66
C PRO A 45 0.95 -0.46 8.81
N TRP A 46 1.52 -0.51 10.00
CA TRP A 46 2.80 0.16 10.26
C TRP A 46 3.98 -0.77 9.99
N ASN A 47 3.73 -1.78 9.16
CA ASN A 47 4.76 -2.74 8.79
C ASN A 47 4.83 -2.87 7.28
N CYS A 48 5.96 -2.49 6.71
CA CYS A 48 6.14 -2.51 5.27
C CYS A 48 6.64 -3.88 4.84
N ILE A 49 5.88 -4.51 3.96
CA ILE A 49 6.25 -5.84 3.47
C ILE A 49 7.26 -5.73 2.33
N PHE A 50 7.21 -4.63 1.59
CA PHE A 50 8.08 -4.46 0.44
C PHE A 50 9.50 -4.07 0.85
N CYS A 51 9.65 -3.40 1.98
CA CYS A 51 10.98 -3.10 2.49
C CYS A 51 11.74 -4.38 2.81
N ARG A 52 11.01 -5.43 3.22
CA ARG A 52 11.63 -6.72 3.47
C ARG A 52 11.68 -7.56 2.21
N MET A 53 10.95 -7.12 1.20
CA MET A 53 10.91 -7.81 -0.09
C MET A 53 11.56 -6.96 -1.16
N LYS A 54 12.51 -6.13 -0.75
CA LYS A 54 13.22 -5.26 -1.68
C LYS A 54 14.28 -6.07 -2.42
N GLU A 55 14.48 -5.76 -3.69
CA GLU A 55 15.44 -6.47 -4.52
C GLU A 55 16.83 -5.84 -4.39
N SER A 56 17.56 -6.28 -3.38
CA SER A 56 18.89 -5.75 -3.12
C SER A 56 19.80 -6.88 -2.66
ZN ZN B . 8.99 0.41 2.82
ZN ZN C . -4.74 2.14 -2.91
N GLY A 1 -3.77 21.44 -6.68
CA GLY A 1 -4.13 21.06 -8.06
C GLY A 1 -4.93 19.77 -8.10
N ALA A 2 -4.99 19.16 -9.27
CA ALA A 2 -5.79 17.94 -9.44
C ALA A 2 -4.88 16.73 -9.66
N MET A 3 -3.60 16.89 -9.39
CA MET A 3 -2.65 15.79 -9.56
C MET A 3 -1.58 15.82 -8.47
N GLY A 4 -0.79 14.75 -8.41
CA GLY A 4 0.23 14.63 -7.42
C GLY A 4 0.22 13.25 -6.80
N MET A 5 -0.65 13.06 -5.82
CA MET A 5 -0.86 11.75 -5.22
C MET A 5 -2.31 11.35 -5.37
N ARG A 6 -2.81 11.43 -6.60
CA ARG A 6 -4.19 11.09 -6.89
C ARG A 6 -4.27 9.97 -7.91
N ASN A 7 -3.84 8.79 -7.51
CA ASN A 7 -4.01 7.60 -8.33
C ASN A 7 -4.78 6.58 -7.52
N LEU A 8 -5.94 6.99 -7.04
CA LEU A 8 -6.76 6.16 -6.17
C LEU A 8 -8.10 5.85 -6.82
N ASP A 9 -8.19 6.12 -8.12
CA ASP A 9 -9.46 5.97 -8.83
C ASP A 9 -9.60 4.55 -9.38
N GLU A 10 -8.48 3.87 -9.50
CA GLU A 10 -8.46 2.49 -9.97
C GLU A 10 -8.31 1.53 -8.80
N CYS A 11 -8.07 2.09 -7.63
CA CYS A 11 -7.85 1.29 -6.44
C CYS A 11 -9.13 1.24 -5.63
N GLU A 12 -9.92 0.21 -5.87
CA GLU A 12 -11.23 0.07 -5.25
C GLU A 12 -11.09 -0.08 -3.75
N VAL A 13 -10.00 -0.67 -3.32
CA VAL A 13 -9.75 -0.89 -1.91
C VAL A 13 -9.43 0.43 -1.19
N CYS A 14 -8.75 1.35 -1.88
CA CYS A 14 -8.52 2.68 -1.33
C CYS A 14 -9.85 3.42 -1.16
N ARG A 15 -10.72 3.22 -2.13
CA ARG A 15 -12.04 3.82 -2.12
C ARG A 15 -12.86 3.24 -0.97
N ASP A 16 -12.66 1.96 -0.72
CA ASP A 16 -13.32 1.27 0.38
C ASP A 16 -12.78 1.72 1.74
N GLY A 17 -11.63 2.39 1.72
CA GLY A 17 -11.02 2.86 2.96
C GLY A 17 -9.99 1.88 3.49
N GLY A 18 -9.46 1.06 2.60
CA GLY A 18 -8.45 0.07 2.96
C GLY A 18 -7.17 0.69 3.51
N GLU A 19 -6.32 -0.17 4.04
CA GLU A 19 -5.07 0.27 4.66
C GLU A 19 -3.87 -0.08 3.77
N LEU A 20 -2.77 0.63 3.97
CA LEU A 20 -1.54 0.42 3.22
C LEU A 20 -0.48 -0.23 4.10
N PHE A 21 0.12 -1.30 3.61
CA PHE A 21 1.11 -2.03 4.39
C PHE A 21 2.52 -1.78 3.87
N CYS A 22 2.80 -0.53 3.52
CA CYS A 22 4.14 -0.14 3.12
C CYS A 22 4.38 1.33 3.37
N CYS A 23 5.61 1.79 3.08
CA CYS A 23 5.98 3.19 3.29
C CYS A 23 5.31 4.07 2.26
N ASP A 24 5.28 5.38 2.50
CA ASP A 24 4.69 6.33 1.56
C ASP A 24 5.29 6.18 0.17
N THR A 25 6.62 6.20 0.11
CA THR A 25 7.34 6.09 -1.15
C THR A 25 7.11 4.72 -1.80
N CYS A 26 7.17 3.66 -1.00
CA CYS A 26 6.94 2.31 -1.50
C CYS A 26 5.51 2.17 -2.04
N SER A 27 4.58 2.85 -1.37
CA SER A 27 3.17 2.86 -1.79
C SER A 27 3.00 3.58 -3.12
N ARG A 28 3.93 4.47 -3.44
CA ARG A 28 3.88 5.16 -4.72
C ARG A 28 4.32 4.23 -5.84
N VAL A 29 5.26 3.35 -5.52
CA VAL A 29 5.81 2.44 -6.50
C VAL A 29 4.97 1.18 -6.62
N PHE A 30 4.67 0.54 -5.50
CA PHE A 30 3.95 -0.73 -5.50
C PHE A 30 2.60 -0.58 -4.83
N HIS A 31 1.84 0.44 -5.22
CA HIS A 31 0.57 0.76 -4.59
C HIS A 31 -0.36 -0.45 -4.56
N GLU A 32 -0.53 -1.11 -5.70
CA GLU A 32 -1.47 -2.21 -5.82
C GLU A 32 -1.07 -3.37 -4.92
N ASP A 33 0.23 -3.62 -4.85
CA ASP A 33 0.77 -4.71 -4.05
C ASP A 33 0.76 -4.34 -2.57
N CYS A 34 0.80 -3.04 -2.29
CA CYS A 34 0.79 -2.54 -0.92
C CYS A 34 -0.58 -2.74 -0.26
N HIS A 35 -1.57 -3.09 -1.07
CA HIS A 35 -2.90 -3.38 -0.56
C HIS A 35 -3.12 -4.90 -0.50
N ILE A 36 -2.06 -5.64 -0.75
CA ILE A 36 -2.10 -7.09 -0.73
C ILE A 36 -1.05 -7.62 0.26
N PRO A 37 -1.44 -8.46 1.23
CA PRO A 37 -2.80 -8.97 1.36
C PRO A 37 -3.79 -7.91 1.86
N PRO A 38 -5.07 -8.01 1.46
CA PRO A 38 -6.11 -7.09 1.90
C PRO A 38 -6.30 -7.11 3.42
N VAL A 39 -6.44 -5.93 4.00
CA VAL A 39 -6.54 -5.78 5.45
C VAL A 39 -7.67 -6.65 6.03
N GLU A 40 -7.33 -7.45 7.02
CA GLU A 40 -8.28 -8.35 7.65
C GLU A 40 -8.04 -8.41 9.16
N ALA A 41 -6.78 -8.61 9.54
CA ALA A 41 -6.42 -8.72 10.95
C ALA A 41 -5.08 -8.05 11.24
N GLU A 42 -4.10 -8.34 10.41
CA GLU A 42 -2.76 -7.76 10.56
C GLU A 42 -2.75 -6.33 10.03
N ARG A 43 -3.23 -5.41 10.85
CA ARG A 43 -3.29 -4.01 10.45
C ARG A 43 -2.02 -3.31 10.87
N THR A 44 -1.01 -3.36 10.01
CA THR A 44 0.29 -2.80 10.32
C THR A 44 0.74 -1.81 9.24
N PRO A 45 0.26 -0.55 9.29
CA PRO A 45 0.63 0.48 8.32
C PRO A 45 2.08 0.93 8.48
N TRP A 46 2.69 0.54 9.59
CA TRP A 46 4.08 0.87 9.87
C TRP A 46 4.99 -0.28 9.50
N ASN A 47 4.40 -1.36 8.99
CA ASN A 47 5.16 -2.53 8.60
C ASN A 47 5.12 -2.68 7.08
N CYS A 48 6.22 -2.36 6.44
CA CYS A 48 6.29 -2.44 4.99
C CYS A 48 6.75 -3.83 4.58
N ILE A 49 5.91 -4.49 3.80
CA ILE A 49 6.19 -5.86 3.38
C ILE A 49 7.39 -5.93 2.43
N PHE A 50 7.61 -4.87 1.67
CA PHE A 50 8.71 -4.83 0.72
C PHE A 50 10.03 -4.51 1.41
N CYS A 51 9.98 -3.59 2.37
CA CYS A 51 11.18 -3.18 3.12
C CYS A 51 11.63 -4.27 4.08
N ARG A 52 10.74 -5.19 4.44
CA ARG A 52 11.06 -6.17 5.45
C ARG A 52 11.38 -7.51 4.79
N MET A 53 11.20 -7.57 3.47
CA MET A 53 11.48 -8.80 2.73
C MET A 53 12.95 -8.87 2.34
N LYS A 54 13.71 -7.91 2.83
CA LYS A 54 15.15 -7.87 2.62
C LYS A 54 15.80 -9.12 3.19
N GLU A 55 16.67 -9.74 2.42
CA GLU A 55 17.36 -10.94 2.86
C GLU A 55 18.84 -10.67 3.03
N SER A 56 19.36 -10.98 4.20
CA SER A 56 20.78 -10.81 4.48
C SER A 56 21.21 -11.81 5.55
ZN ZN B . 9.00 0.47 2.42
ZN ZN C . -4.65 2.09 -2.99
N GLY A 1 3.51 5.92 -12.32
CA GLY A 1 4.57 6.66 -13.06
C GLY A 1 4.01 7.86 -13.78
N ALA A 2 4.88 8.57 -14.52
CA ALA A 2 4.48 9.75 -15.29
C ALA A 2 3.90 10.83 -14.39
N MET A 3 4.54 11.04 -13.25
CA MET A 3 4.10 12.03 -12.27
C MET A 3 2.67 11.73 -11.83
N GLY A 4 2.45 10.50 -11.41
CA GLY A 4 1.13 10.07 -10.99
C GLY A 4 0.72 10.71 -9.67
N MET A 5 -0.12 11.73 -9.74
CA MET A 5 -0.62 12.39 -8.55
C MET A 5 -1.75 11.58 -7.93
N ARG A 6 -1.39 10.71 -6.99
CA ARG A 6 -2.35 9.81 -6.34
C ARG A 6 -3.06 8.93 -7.37
N ASN A 7 -2.33 7.97 -7.92
CA ASN A 7 -2.90 7.05 -8.91
C ASN A 7 -3.63 5.93 -8.18
N LEU A 8 -4.81 6.26 -7.66
CA LEU A 8 -5.60 5.32 -6.88
C LEU A 8 -7.03 5.29 -7.37
N ASP A 9 -7.23 5.75 -8.60
CA ASP A 9 -8.56 5.81 -9.19
C ASP A 9 -8.97 4.43 -9.68
N GLU A 10 -7.96 3.61 -9.96
CA GLU A 10 -8.18 2.22 -10.35
C GLU A 10 -8.10 1.32 -9.13
N CYS A 11 -7.91 1.95 -7.97
CA CYS A 11 -7.75 1.23 -6.73
C CYS A 11 -9.04 1.30 -5.92
N GLU A 12 -9.89 0.30 -6.10
CA GLU A 12 -11.17 0.24 -5.41
C GLU A 12 -10.95 0.13 -3.91
N VAL A 13 -9.89 -0.57 -3.54
CA VAL A 13 -9.61 -0.83 -2.14
C VAL A 13 -9.22 0.45 -1.41
N CYS A 14 -8.70 1.44 -2.13
CA CYS A 14 -8.39 2.73 -1.54
C CYS A 14 -9.66 3.43 -1.10
N ARG A 15 -10.71 3.26 -1.91
CA ARG A 15 -11.99 3.87 -1.64
C ARG A 15 -12.70 3.14 -0.51
N ASP A 16 -12.40 1.85 -0.40
CA ASP A 16 -12.95 1.02 0.67
C ASP A 16 -12.25 1.32 1.99
N GLY A 17 -11.18 2.12 1.92
CA GLY A 17 -10.43 2.47 3.10
C GLY A 17 -9.41 1.41 3.47
N GLY A 18 -8.90 0.72 2.47
CA GLY A 18 -7.89 -0.30 2.71
C GLY A 18 -6.56 0.30 3.11
N GLU A 19 -6.06 -0.15 4.26
CA GLU A 19 -4.78 0.30 4.78
C GLU A 19 -3.65 -0.01 3.81
N LEU A 20 -2.72 0.93 3.69
CA LEU A 20 -1.51 0.72 2.94
C LEU A 20 -0.46 0.08 3.82
N PHE A 21 0.02 -1.08 3.42
CA PHE A 21 1.02 -1.79 4.19
C PHE A 21 2.40 -1.51 3.63
N CYS A 22 2.64 -0.25 3.30
CA CYS A 22 3.89 0.19 2.73
C CYS A 22 4.24 1.60 3.19
N CYS A 23 5.50 1.99 3.03
CA CYS A 23 5.94 3.35 3.32
C CYS A 23 5.38 4.29 2.26
N ASP A 24 5.39 5.59 2.51
CA ASP A 24 4.83 6.54 1.56
C ASP A 24 5.43 6.35 0.16
N THR A 25 6.75 6.20 0.11
CA THR A 25 7.44 5.96 -1.15
C THR A 25 7.11 4.58 -1.71
N CYS A 26 7.17 3.55 -0.87
CA CYS A 26 6.89 2.18 -1.30
C CYS A 26 5.46 2.06 -1.83
N SER A 27 4.53 2.74 -1.15
CA SER A 27 3.12 2.72 -1.54
C SER A 27 2.87 3.43 -2.86
N ARG A 28 3.78 4.32 -3.25
CA ARG A 28 3.62 5.03 -4.51
C ARG A 28 4.20 4.22 -5.66
N VAL A 29 5.07 3.28 -5.34
CA VAL A 29 5.66 2.42 -6.35
C VAL A 29 4.87 1.13 -6.51
N PHE A 30 4.61 0.45 -5.41
CA PHE A 30 3.91 -0.85 -5.45
C PHE A 30 2.51 -0.70 -4.88
N HIS A 31 1.82 0.35 -5.29
CA HIS A 31 0.53 0.74 -4.70
C HIS A 31 -0.45 -0.43 -4.64
N GLU A 32 -0.63 -1.12 -5.74
CA GLU A 32 -1.67 -2.16 -5.84
C GLU A 32 -1.31 -3.35 -4.96
N ASP A 33 -0.03 -3.66 -4.92
CA ASP A 33 0.47 -4.79 -4.16
C ASP A 33 0.54 -4.45 -2.67
N CYS A 34 0.65 -3.16 -2.39
CA CYS A 34 0.76 -2.67 -1.02
C CYS A 34 -0.59 -2.61 -0.32
N HIS A 35 -1.65 -2.98 -1.05
CA HIS A 35 -2.99 -3.08 -0.48
C HIS A 35 -3.35 -4.53 -0.19
N ILE A 36 -2.38 -5.41 -0.37
CA ILE A 36 -2.59 -6.84 -0.15
C ILE A 36 -1.65 -7.34 0.93
N PRO A 37 -2.14 -8.14 1.89
CA PRO A 37 -3.55 -8.58 1.96
C PRO A 37 -4.48 -7.47 2.41
N PRO A 38 -5.77 -7.53 2.00
CA PRO A 38 -6.78 -6.57 2.42
C PRO A 38 -6.85 -6.47 3.94
N VAL A 39 -6.85 -5.25 4.45
CA VAL A 39 -6.80 -5.00 5.88
C VAL A 39 -8.01 -5.58 6.61
N GLU A 40 -7.75 -6.54 7.48
CA GLU A 40 -8.77 -7.16 8.29
C GLU A 40 -8.40 -7.06 9.77
N ALA A 41 -8.88 -6.01 10.42
CA ALA A 41 -8.65 -5.77 11.85
C ALA A 41 -7.21 -5.34 12.16
N GLU A 42 -6.29 -5.65 11.27
CA GLU A 42 -4.89 -5.30 11.47
C GLU A 42 -4.56 -4.04 10.68
N ARG A 43 -5.06 -2.90 11.16
CA ARG A 43 -4.86 -1.64 10.47
C ARG A 43 -3.51 -1.05 10.82
N THR A 44 -2.46 -1.64 10.26
CA THR A 44 -1.11 -1.21 10.52
C THR A 44 -0.48 -0.57 9.29
N PRO A 45 -0.65 0.75 9.10
CA PRO A 45 -0.03 1.48 7.99
C PRO A 45 1.47 1.66 8.18
N TRP A 46 1.94 1.30 9.36
CA TRP A 46 3.35 1.36 9.70
C TRP A 46 3.98 -0.02 9.61
N ASN A 47 3.48 -0.82 8.69
CA ASN A 47 3.97 -2.18 8.48
C ASN A 47 4.23 -2.39 6.99
N CYS A 48 5.47 -2.21 6.56
CA CYS A 48 5.79 -2.32 5.15
C CYS A 48 6.23 -3.75 4.83
N ILE A 49 5.53 -4.38 3.91
CA ILE A 49 5.84 -5.75 3.54
C ILE A 49 7.01 -5.83 2.57
N PHE A 50 7.21 -4.78 1.79
CA PHE A 50 8.27 -4.79 0.78
C PHE A 50 9.63 -4.50 1.42
N CYS A 51 9.64 -3.61 2.42
CA CYS A 51 10.87 -3.26 3.12
C CYS A 51 11.44 -4.44 3.90
N ARG A 52 10.61 -5.44 4.19
CA ARG A 52 11.06 -6.55 5.02
C ARG A 52 11.38 -7.76 4.15
N MET A 53 11.29 -7.57 2.84
CA MET A 53 11.63 -8.64 1.89
C MET A 53 12.70 -8.16 0.91
N LYS A 54 13.00 -6.88 0.98
CA LYS A 54 14.02 -6.27 0.12
C LYS A 54 15.37 -6.94 0.35
N GLU A 55 15.92 -6.76 1.54
CA GLU A 55 17.20 -7.36 1.90
C GLU A 55 17.24 -7.70 3.38
N SER A 56 16.37 -8.61 3.78
CA SER A 56 16.29 -9.02 5.17
C SER A 56 15.98 -10.51 5.26
ZN ZN B . 8.82 0.44 2.74
ZN ZN C . -4.66 2.26 -3.25
N GLY A 1 -1.28 18.54 0.72
CA GLY A 1 -2.46 17.66 0.50
C GLY A 1 -2.99 17.74 -0.90
N ALA A 2 -3.13 16.58 -1.54
CA ALA A 2 -3.68 16.48 -2.89
C ALA A 2 -2.91 17.34 -3.89
N MET A 3 -1.59 17.24 -3.86
CA MET A 3 -0.73 17.97 -4.79
C MET A 3 0.39 17.07 -5.27
N GLY A 4 0.05 15.82 -5.53
CA GLY A 4 1.03 14.86 -6.01
C GLY A 4 0.41 13.87 -6.97
N MET A 5 0.82 12.61 -6.87
CA MET A 5 0.28 11.57 -7.74
C MET A 5 -0.33 10.45 -6.90
N ARG A 6 -1.50 10.71 -6.33
CA ARG A 6 -2.20 9.71 -5.56
C ARG A 6 -3.35 9.14 -6.39
N ASN A 7 -2.99 8.27 -7.33
CA ASN A 7 -4.00 7.69 -8.22
C ASN A 7 -4.67 6.51 -7.53
N LEU A 8 -5.47 6.82 -6.54
CA LEU A 8 -6.22 5.80 -5.83
C LEU A 8 -7.64 5.74 -6.39
N ASP A 9 -7.82 6.40 -7.52
CA ASP A 9 -9.11 6.44 -8.20
C ASP A 9 -9.39 5.08 -8.83
N GLU A 10 -8.32 4.42 -9.27
CA GLU A 10 -8.42 3.08 -9.82
C GLU A 10 -8.17 2.04 -8.74
N CYS A 11 -8.03 2.51 -7.52
CA CYS A 11 -7.78 1.63 -6.39
C CYS A 11 -9.08 1.46 -5.61
N GLU A 12 -9.82 0.42 -5.95
CA GLU A 12 -11.11 0.15 -5.35
C GLU A 12 -10.96 -0.14 -3.86
N VAL A 13 -9.82 -0.69 -3.50
CA VAL A 13 -9.57 -1.02 -2.11
C VAL A 13 -9.36 0.26 -1.29
N CYS A 14 -8.72 1.27 -1.88
CA CYS A 14 -8.64 2.59 -1.25
C CYS A 14 -10.03 3.19 -1.11
N ARG A 15 -10.87 2.86 -2.07
CA ARG A 15 -12.25 3.32 -2.08
C ARG A 15 -13.02 2.70 -0.92
N ASP A 16 -12.72 1.43 -0.65
CA ASP A 16 -13.29 0.72 0.49
C ASP A 16 -12.60 1.09 1.79
N GLY A 17 -11.69 2.05 1.73
CA GLY A 17 -10.97 2.49 2.92
C GLY A 17 -9.92 1.52 3.37
N GLY A 18 -9.38 0.76 2.41
CA GLY A 18 -8.32 -0.20 2.69
C GLY A 18 -7.07 0.46 3.23
N GLU A 19 -6.32 -0.31 4.00
CA GLU A 19 -5.14 0.20 4.67
C GLU A 19 -3.87 -0.09 3.86
N LEU A 20 -2.83 0.69 4.10
CA LEU A 20 -1.56 0.51 3.43
C LEU A 20 -0.53 -0.06 4.39
N PHE A 21 0.16 -1.10 3.96
CA PHE A 21 1.20 -1.71 4.77
C PHE A 21 2.56 -1.47 4.14
N CYS A 22 2.70 -0.29 3.56
CA CYS A 22 3.92 0.10 2.89
C CYS A 22 4.33 1.51 3.30
N CYS A 23 5.63 1.78 3.23
CA CYS A 23 6.13 3.10 3.50
C CYS A 23 5.84 3.98 2.28
N ASP A 24 5.97 5.29 2.43
CA ASP A 24 5.61 6.20 1.34
C ASP A 24 6.31 5.83 0.04
N THR A 25 7.58 5.49 0.12
CA THR A 25 8.37 5.17 -1.05
C THR A 25 7.79 3.96 -1.80
N CYS A 26 7.60 2.85 -1.09
CA CYS A 26 7.12 1.62 -1.73
C CYS A 26 5.66 1.76 -2.16
N SER A 27 4.86 2.49 -1.39
CA SER A 27 3.45 2.64 -1.67
C SER A 27 3.24 3.43 -2.97
N ARG A 28 4.16 4.35 -3.24
CA ARG A 28 4.07 5.16 -4.45
C ARG A 28 4.53 4.37 -5.68
N VAL A 29 5.30 3.31 -5.46
CA VAL A 29 5.78 2.49 -6.56
C VAL A 29 4.87 1.28 -6.79
N PHE A 30 4.43 0.65 -5.72
CA PHE A 30 3.60 -0.55 -5.82
C PHE A 30 2.30 -0.36 -5.05
N HIS A 31 1.59 0.73 -5.35
CA HIS A 31 0.39 1.10 -4.62
C HIS A 31 -0.61 -0.06 -4.55
N GLU A 32 -0.90 -0.67 -5.68
CA GLU A 32 -1.92 -1.71 -5.76
C GLU A 32 -1.52 -2.91 -4.92
N ASP A 33 -0.29 -3.35 -5.12
CA ASP A 33 0.25 -4.53 -4.45
C ASP A 33 0.40 -4.28 -2.96
N CYS A 34 0.51 -3.02 -2.58
CA CYS A 34 0.65 -2.64 -1.18
C CYS A 34 -0.69 -2.68 -0.45
N HIS A 35 -1.76 -2.98 -1.16
CA HIS A 35 -3.07 -3.19 -0.55
C HIS A 35 -3.41 -4.67 -0.56
N ILE A 36 -3.21 -5.29 -1.71
CA ILE A 36 -3.56 -6.69 -1.91
C ILE A 36 -2.43 -7.43 -2.63
N PRO A 37 -2.08 -8.64 -2.16
CA PRO A 37 -2.71 -9.26 -0.99
C PRO A 37 -2.21 -8.65 0.32
N PRO A 38 -3.12 -8.42 1.27
CA PRO A 38 -2.77 -7.84 2.57
C PRO A 38 -2.05 -8.85 3.46
N VAL A 39 -1.10 -8.36 4.25
CA VAL A 39 -0.38 -9.20 5.19
C VAL A 39 -1.24 -9.45 6.44
N GLU A 40 -2.22 -10.33 6.30
CA GLU A 40 -3.22 -10.55 7.36
C GLU A 40 -2.67 -11.44 8.48
N ALA A 41 -1.55 -12.07 8.23
CA ALA A 41 -0.90 -12.89 9.25
C ALA A 41 -0.33 -12.00 10.35
N GLU A 42 0.03 -10.78 9.96
CA GLU A 42 0.55 -9.80 10.90
C GLU A 42 0.42 -8.39 10.31
N ARG A 43 -0.79 -7.84 10.40
CA ARG A 43 -1.07 -6.53 9.83
C ARG A 43 -0.41 -5.44 10.65
N THR A 44 0.62 -4.84 10.07
CA THR A 44 1.33 -3.76 10.73
C THR A 44 1.40 -2.53 9.83
N PRO A 45 0.49 -1.57 10.01
CA PRO A 45 0.45 -0.36 9.18
C PRO A 45 1.68 0.52 9.39
N TRP A 46 2.29 0.39 10.55
CA TRP A 46 3.47 1.19 10.90
C TRP A 46 4.76 0.51 10.43
N ASN A 47 4.62 -0.61 9.74
CA ASN A 47 5.77 -1.34 9.22
C ASN A 47 5.59 -1.58 7.74
N CYS A 48 6.65 -1.39 6.97
CA CYS A 48 6.56 -1.61 5.54
C CYS A 48 6.94 -3.06 5.21
N ILE A 49 6.01 -3.79 4.59
CA ILE A 49 6.27 -5.16 4.21
C ILE A 49 7.02 -5.24 2.90
N PHE A 50 6.87 -4.22 2.07
CA PHE A 50 7.53 -4.19 0.77
C PHE A 50 9.00 -3.86 0.92
N CYS A 51 9.36 -3.10 1.94
CA CYS A 51 10.77 -2.85 2.24
C CYS A 51 11.48 -4.17 2.54
N ARG A 52 10.78 -5.10 3.20
CA ARG A 52 11.36 -6.39 3.53
C ARG A 52 11.23 -7.36 2.36
N MET A 53 10.32 -7.06 1.45
CA MET A 53 10.05 -7.92 0.30
C MET A 53 10.98 -7.56 -0.87
N LYS A 54 11.19 -6.27 -1.05
CA LYS A 54 12.02 -5.75 -2.15
C LYS A 54 13.51 -6.00 -1.90
N GLU A 55 13.81 -6.87 -0.95
CA GLU A 55 15.18 -7.31 -0.71
C GLU A 55 15.57 -8.36 -1.73
N SER A 56 15.77 -7.94 -2.97
CA SER A 56 16.08 -8.85 -4.05
C SER A 56 17.56 -9.20 -4.08
ZN ZN B . 9.02 0.51 2.01
ZN ZN C . -4.72 2.37 -2.79
N GLY A 1 1.18 11.17 -9.69
CA GLY A 1 0.85 11.92 -10.93
C GLY A 1 1.86 13.02 -11.19
N ALA A 2 1.49 13.98 -12.01
CA ALA A 2 2.38 15.10 -12.34
C ALA A 2 2.29 16.20 -11.29
N MET A 3 1.16 16.23 -10.61
CA MET A 3 0.92 17.21 -9.56
C MET A 3 0.22 16.54 -8.38
N GLY A 4 0.98 15.76 -7.63
CA GLY A 4 0.42 15.02 -6.53
C GLY A 4 0.51 13.54 -6.76
N MET A 5 -0.12 12.75 -5.89
CA MET A 5 -0.12 11.31 -6.05
C MET A 5 -1.47 10.73 -5.67
N ARG A 6 -2.43 10.90 -6.55
CA ARG A 6 -3.78 10.40 -6.34
C ARG A 6 -3.98 9.08 -7.06
N ASN A 7 -3.08 8.14 -6.81
CA ASN A 7 -3.15 6.83 -7.44
C ASN A 7 -4.20 5.97 -6.72
N LEU A 8 -4.56 6.40 -5.52
CA LEU A 8 -5.53 5.68 -4.70
C LEU A 8 -6.96 5.86 -5.21
N ASP A 9 -7.13 6.69 -6.22
CA ASP A 9 -8.45 6.94 -6.78
C ASP A 9 -8.89 5.78 -7.68
N GLU A 10 -7.92 5.22 -8.39
CA GLU A 10 -8.18 4.05 -9.23
C GLU A 10 -8.25 2.79 -8.37
N CYS A 11 -7.64 2.88 -7.20
CA CYS A 11 -7.60 1.80 -6.24
C CYS A 11 -8.93 1.69 -5.49
N GLU A 12 -9.73 0.70 -5.88
CA GLU A 12 -11.06 0.52 -5.31
C GLU A 12 -10.98 0.13 -3.84
N VAL A 13 -9.91 -0.53 -3.43
CA VAL A 13 -9.77 -0.94 -2.04
C VAL A 13 -9.50 0.28 -1.16
N CYS A 14 -8.77 1.26 -1.70
CA CYS A 14 -8.59 2.52 -1.01
C CYS A 14 -9.91 3.27 -0.93
N ARG A 15 -10.73 3.06 -1.95
CA ARG A 15 -12.08 3.60 -1.99
C ARG A 15 -12.94 2.96 -0.91
N ASP A 16 -12.70 1.67 -0.66
CA ASP A 16 -13.36 0.95 0.43
C ASP A 16 -12.77 1.32 1.78
N GLY A 17 -11.81 2.22 1.79
CA GLY A 17 -11.18 2.63 3.03
C GLY A 17 -10.13 1.64 3.51
N GLY A 18 -9.51 0.94 2.57
CA GLY A 18 -8.45 0.02 2.91
C GLY A 18 -7.20 0.70 3.44
N GLU A 19 -6.36 -0.07 4.09
CA GLU A 19 -5.13 0.44 4.69
C GLU A 19 -3.92 0.17 3.80
N LEU A 20 -2.84 0.87 4.10
CA LEU A 20 -1.58 0.68 3.41
C LEU A 20 -0.56 0.06 4.36
N PHE A 21 0.17 -0.93 3.88
CA PHE A 21 1.14 -1.63 4.70
C PHE A 21 2.54 -1.32 4.19
N CYS A 22 2.70 -0.11 3.68
CA CYS A 22 3.95 0.30 3.05
C CYS A 22 4.30 1.74 3.40
N CYS A 23 5.58 2.08 3.21
CA CYS A 23 6.03 3.47 3.35
C CYS A 23 5.46 4.31 2.22
N ASP A 24 5.49 5.63 2.33
CA ASP A 24 5.01 6.50 1.25
C ASP A 24 5.65 6.13 -0.07
N THR A 25 6.97 6.08 -0.08
CA THR A 25 7.73 5.74 -1.28
C THR A 25 7.36 4.35 -1.80
N CYS A 26 7.34 3.37 -0.89
CA CYS A 26 7.04 1.99 -1.27
C CYS A 26 5.59 1.87 -1.76
N SER A 27 4.70 2.69 -1.18
CA SER A 27 3.30 2.70 -1.58
C SER A 27 3.13 3.34 -2.96
N ARG A 28 3.97 4.31 -3.27
CA ARG A 28 3.87 5.00 -4.55
C ARG A 28 4.41 4.14 -5.68
N VAL A 29 5.31 3.22 -5.34
CA VAL A 29 5.90 2.34 -6.33
C VAL A 29 5.08 1.07 -6.51
N PHE A 30 4.61 0.50 -5.40
CA PHE A 30 3.87 -0.76 -5.45
C PHE A 30 2.51 -0.61 -4.77
N HIS A 31 1.73 0.41 -5.15
CA HIS A 31 0.45 0.66 -4.51
C HIS A 31 -0.49 -0.53 -4.66
N GLU A 32 -0.63 -1.02 -5.88
CA GLU A 32 -1.58 -2.08 -6.19
C GLU A 32 -1.20 -3.36 -5.46
N ASP A 33 0.09 -3.65 -5.41
CA ASP A 33 0.58 -4.86 -4.80
C ASP A 33 0.60 -4.74 -3.28
N CYS A 34 0.68 -3.51 -2.80
CA CYS A 34 0.79 -3.26 -1.36
C CYS A 34 -0.51 -3.61 -0.64
N HIS A 35 -1.63 -3.51 -1.35
CA HIS A 35 -2.92 -3.84 -0.78
C HIS A 35 -3.14 -5.34 -0.82
N ILE A 36 -2.19 -6.04 -1.41
CA ILE A 36 -2.21 -7.49 -1.52
C ILE A 36 -1.19 -8.10 -0.56
N PRO A 37 -1.56 -9.17 0.16
CA PRO A 37 -2.90 -9.78 0.08
C PRO A 37 -3.94 -9.00 0.89
N PRO A 38 -5.18 -8.96 0.42
CA PRO A 38 -6.28 -8.29 1.12
C PRO A 38 -6.48 -8.87 2.52
N VAL A 39 -6.60 -7.99 3.51
CA VAL A 39 -6.69 -8.41 4.90
C VAL A 39 -7.87 -9.35 5.13
N GLU A 40 -7.55 -10.56 5.59
CA GLU A 40 -8.56 -11.54 5.93
C GLU A 40 -8.66 -11.70 7.43
N ALA A 41 -7.52 -11.98 8.06
CA ALA A 41 -7.48 -12.11 9.51
C ALA A 41 -7.07 -10.78 10.13
N GLU A 42 -5.83 -10.36 9.87
CA GLU A 42 -5.30 -9.12 10.40
C GLU A 42 -3.94 -8.83 9.78
N ARG A 43 -3.70 -7.56 9.49
CA ARG A 43 -2.43 -7.11 8.94
C ARG A 43 -2.07 -5.76 9.54
N THR A 44 -0.80 -5.58 9.89
CA THR A 44 -0.36 -4.37 10.56
C THR A 44 0.12 -3.32 9.55
N PRO A 45 -0.53 -2.13 9.53
CA PRO A 45 -0.18 -1.04 8.61
C PRO A 45 1.19 -0.44 8.91
N TRP A 46 1.66 -0.62 10.13
CA TRP A 46 2.96 -0.11 10.56
C TRP A 46 4.06 -1.13 10.32
N ASN A 47 3.90 -1.90 9.25
CA ASN A 47 4.88 -2.90 8.85
C ASN A 47 4.98 -2.92 7.35
N CYS A 48 6.08 -2.42 6.80
CA CYS A 48 6.25 -2.38 5.36
C CYS A 48 6.71 -3.74 4.88
N ILE A 49 5.93 -4.32 3.99
CA ILE A 49 6.25 -5.64 3.47
C ILE A 49 7.36 -5.60 2.44
N PHE A 50 7.41 -4.52 1.66
CA PHE A 50 8.38 -4.42 0.57
C PHE A 50 9.78 -4.11 1.09
N CYS A 51 9.86 -3.35 2.17
CA CYS A 51 11.16 -2.98 2.73
C CYS A 51 11.93 -4.20 3.20
N ARG A 52 11.29 -5.05 3.99
CA ARG A 52 11.97 -6.20 4.57
C ARG A 52 11.97 -7.40 3.64
N MET A 53 11.57 -7.20 2.39
CA MET A 53 11.67 -8.23 1.37
C MET A 53 12.62 -7.80 0.28
N LYS A 54 12.67 -6.49 0.05
CA LYS A 54 13.52 -5.89 -0.98
C LYS A 54 14.26 -4.69 -0.39
N GLU A 55 15.10 -4.94 0.60
CA GLU A 55 15.79 -3.86 1.29
C GLU A 55 17.00 -3.40 0.49
N SER A 56 16.77 -2.43 -0.38
CA SER A 56 17.81 -1.91 -1.25
C SER A 56 17.37 -0.55 -1.77
ZN ZN B . 9.02 0.55 2.83
ZN ZN C . -4.64 1.88 -2.57
N GLY A 1 -6.05 13.91 -11.03
CA GLY A 1 -5.11 12.90 -11.56
C GLY A 1 -5.81 11.62 -11.95
N ALA A 2 -5.21 10.86 -12.86
CA ALA A 2 -5.78 9.60 -13.30
C ALA A 2 -4.75 8.49 -13.24
N MET A 3 -3.59 8.74 -13.84
CA MET A 3 -2.50 7.77 -13.82
C MET A 3 -1.40 8.22 -12.88
N GLY A 4 -1.54 9.43 -12.37
CA GLY A 4 -0.56 9.99 -11.48
C GLY A 4 -1.14 11.15 -10.70
N MET A 5 -0.30 11.81 -9.90
CA MET A 5 -0.74 12.93 -9.07
C MET A 5 -1.83 12.48 -8.11
N ARG A 6 -1.39 11.85 -7.01
CA ARG A 6 -2.29 11.23 -6.05
C ARG A 6 -3.09 10.12 -6.72
N ASN A 7 -2.39 9.08 -7.11
CA ASN A 7 -3.00 7.98 -7.85
C ASN A 7 -3.59 6.94 -6.91
N LEU A 8 -4.84 7.15 -6.53
CA LEU A 8 -5.61 6.16 -5.78
C LEU A 8 -7.00 6.04 -6.36
N ASP A 9 -7.10 6.46 -7.62
CA ASP A 9 -8.38 6.50 -8.33
C ASP A 9 -8.75 5.14 -8.88
N GLU A 10 -7.75 4.42 -9.36
CA GLU A 10 -7.95 3.10 -9.93
C GLU A 10 -7.89 2.03 -8.85
N CYS A 11 -7.77 2.48 -7.62
CA CYS A 11 -7.65 1.60 -6.49
C CYS A 11 -8.97 1.53 -5.73
N GLU A 12 -9.77 0.55 -6.07
CA GLU A 12 -11.09 0.37 -5.45
C GLU A 12 -10.95 0.04 -3.98
N VAL A 13 -9.83 -0.56 -3.60
CA VAL A 13 -9.60 -0.89 -2.21
C VAL A 13 -9.33 0.37 -1.39
N CYS A 14 -8.66 1.36 -2.00
CA CYS A 14 -8.52 2.68 -1.37
C CYS A 14 -9.89 3.30 -1.17
N ARG A 15 -10.77 3.03 -2.11
CA ARG A 15 -12.14 3.54 -2.06
C ARG A 15 -12.91 2.91 -0.91
N ASP A 16 -12.65 1.63 -0.66
CA ASP A 16 -13.27 0.91 0.46
C ASP A 16 -12.61 1.28 1.79
N GLY A 17 -11.56 2.08 1.73
CA GLY A 17 -10.87 2.49 2.94
C GLY A 17 -9.80 1.50 3.36
N GLY A 18 -9.22 0.82 2.38
CA GLY A 18 -8.13 -0.11 2.66
C GLY A 18 -6.90 0.59 3.20
N GLU A 19 -6.18 -0.11 4.06
CA GLU A 19 -4.98 0.45 4.69
C GLU A 19 -3.74 0.06 3.90
N LEU A 20 -2.72 0.89 3.99
CA LEU A 20 -1.47 0.67 3.29
C LEU A 20 -0.43 0.05 4.23
N PHE A 21 0.28 -0.95 3.73
CA PHE A 21 1.30 -1.63 4.52
C PHE A 21 2.67 -1.42 3.92
N CYS A 22 2.92 -0.19 3.46
CA CYS A 22 4.17 0.17 2.84
C CYS A 22 4.61 1.57 3.24
N CYS A 23 5.89 1.88 3.00
CA CYS A 23 6.40 3.24 3.21
C CYS A 23 5.74 4.18 2.22
N ASP A 24 5.75 5.49 2.49
CA ASP A 24 5.14 6.45 1.56
C ASP A 24 5.70 6.26 0.14
N THR A 25 7.02 6.15 0.04
CA THR A 25 7.67 5.88 -1.23
C THR A 25 7.24 4.53 -1.81
N CYS A 26 7.27 3.49 -0.98
CA CYS A 26 6.94 2.14 -1.43
C CYS A 26 5.48 2.05 -1.87
N SER A 27 4.60 2.71 -1.13
CA SER A 27 3.17 2.69 -1.42
C SER A 27 2.85 3.43 -2.71
N ARG A 28 3.72 4.34 -3.13
CA ARG A 28 3.51 5.07 -4.37
C ARG A 28 3.97 4.24 -5.56
N VAL A 29 4.90 3.33 -5.32
CA VAL A 29 5.46 2.51 -6.38
C VAL A 29 4.71 1.18 -6.50
N PHE A 30 4.50 0.53 -5.37
CA PHE A 30 3.87 -0.79 -5.36
C PHE A 30 2.47 -0.68 -4.74
N HIS A 31 1.79 0.41 -5.05
CA HIS A 31 0.50 0.74 -4.47
C HIS A 31 -0.46 -0.46 -4.52
N GLU A 32 -0.55 -1.09 -5.68
CA GLU A 32 -1.50 -2.17 -5.90
C GLU A 32 -1.23 -3.34 -4.96
N ASP A 33 0.03 -3.73 -4.87
CA ASP A 33 0.41 -4.89 -4.07
C ASP A 33 0.46 -4.54 -2.59
N CYS A 34 0.68 -3.26 -2.31
CA CYS A 34 0.78 -2.78 -0.93
C CYS A 34 -0.59 -2.77 -0.24
N HIS A 35 -1.63 -3.09 -1.00
CA HIS A 35 -2.97 -3.19 -0.44
C HIS A 35 -3.38 -4.64 -0.24
N ILE A 36 -2.96 -5.50 -1.14
CA ILE A 36 -3.46 -6.87 -1.21
C ILE A 36 -2.33 -7.89 -1.18
N PRO A 37 -2.46 -8.95 -0.36
CA PRO A 37 -3.57 -9.11 0.59
C PRO A 37 -3.39 -8.23 1.82
N PRO A 38 -4.48 -7.61 2.32
CA PRO A 38 -4.42 -6.74 3.49
C PRO A 38 -4.16 -7.50 4.78
N VAL A 39 -3.22 -7.02 5.57
CA VAL A 39 -2.94 -7.60 6.87
C VAL A 39 -3.98 -7.12 7.88
N GLU A 40 -5.04 -7.89 8.03
CA GLU A 40 -6.14 -7.50 8.90
C GLU A 40 -5.89 -7.91 10.35
N ALA A 41 -4.89 -8.76 10.55
CA ALA A 41 -4.49 -9.15 11.90
C ALA A 41 -3.96 -7.93 12.65
N GLU A 42 -2.90 -7.33 12.12
CA GLU A 42 -2.35 -6.11 12.66
C GLU A 42 -2.24 -5.07 11.56
N ARG A 43 -3.23 -4.18 11.49
CA ARG A 43 -3.33 -3.21 10.41
C ARG A 43 -2.40 -2.03 10.65
N THR A 44 -1.11 -2.33 10.75
CA THR A 44 -0.11 -1.32 11.07
C THR A 44 0.49 -0.72 9.79
N PRO A 45 0.28 0.58 9.54
CA PRO A 45 0.81 1.26 8.35
C PRO A 45 2.33 1.41 8.40
N TRP A 46 2.89 1.34 9.60
CA TRP A 46 4.33 1.50 9.79
C TRP A 46 5.04 0.14 9.76
N ASN A 47 4.52 -0.76 8.95
CA ASN A 47 5.13 -2.05 8.74
C ASN A 47 5.10 -2.39 7.26
N CYS A 48 6.21 -2.14 6.59
CA CYS A 48 6.26 -2.26 5.14
C CYS A 48 6.56 -3.70 4.72
N ILE A 49 5.66 -4.26 3.94
CA ILE A 49 5.82 -5.62 3.47
C ILE A 49 6.83 -5.71 2.34
N PHE A 50 7.01 -4.62 1.60
CA PHE A 50 7.95 -4.62 0.49
C PHE A 50 9.39 -4.45 0.96
N CYS A 51 9.58 -3.70 2.03
CA CYS A 51 10.92 -3.55 2.58
C CYS A 51 11.35 -4.84 3.28
N ARG A 52 10.48 -5.37 4.12
CA ARG A 52 10.75 -6.65 4.78
C ARG A 52 10.71 -7.82 3.79
N MET A 53 10.28 -7.55 2.58
CA MET A 53 10.27 -8.56 1.52
C MET A 53 11.70 -8.94 1.15
N LYS A 54 12.62 -8.00 1.34
CA LYS A 54 14.02 -8.24 1.08
C LYS A 54 14.74 -8.50 2.40
N GLU A 55 14.42 -9.63 3.01
CA GLU A 55 15.04 -10.02 4.27
C GLU A 55 16.30 -10.83 4.00
N SER A 56 17.44 -10.18 4.09
CA SER A 56 18.71 -10.84 3.84
C SER A 56 19.53 -10.89 5.14
ZN ZN B . 9.16 0.25 2.35
ZN ZN C . -4.64 2.30 -2.89
N GLY A 1 -1.34 6.03 -15.85
CA GLY A 1 0.01 5.52 -16.22
C GLY A 1 0.64 4.74 -15.10
N ALA A 2 1.78 5.19 -14.62
CA ALA A 2 2.48 4.52 -13.52
C ALA A 2 3.27 5.52 -12.69
N MET A 3 2.87 6.79 -12.74
CA MET A 3 3.56 7.83 -11.98
C MET A 3 2.62 9.00 -11.74
N GLY A 4 1.39 8.69 -11.34
CA GLY A 4 0.42 9.72 -11.11
C GLY A 4 0.34 10.13 -9.65
N MET A 5 0.26 11.43 -9.39
CA MET A 5 0.14 11.94 -8.03
C MET A 5 -1.22 11.56 -7.46
N ARG A 6 -1.20 10.83 -6.34
CA ARG A 6 -2.42 10.34 -5.70
C ARG A 6 -3.23 9.50 -6.68
N ASN A 7 -2.57 8.60 -7.39
CA ASN A 7 -3.24 7.71 -8.32
C ASN A 7 -3.85 6.55 -7.56
N LEU A 8 -4.96 6.83 -6.91
CA LEU A 8 -5.71 5.83 -6.18
C LEU A 8 -7.16 5.81 -6.64
N ASP A 9 -7.37 6.38 -7.81
CA ASP A 9 -8.68 6.40 -8.44
C ASP A 9 -9.02 5.02 -8.96
N GLU A 10 -7.97 4.32 -9.40
CA GLU A 10 -8.10 2.96 -9.91
C GLU A 10 -7.91 1.96 -8.77
N CYS A 11 -7.82 2.48 -7.56
CA CYS A 11 -7.63 1.64 -6.39
C CYS A 11 -8.94 1.51 -5.65
N GLU A 12 -9.67 0.46 -5.98
CA GLU A 12 -10.97 0.21 -5.41
C GLU A 12 -10.87 0.03 -3.90
N VAL A 13 -9.75 -0.53 -3.49
CA VAL A 13 -9.55 -0.81 -2.08
C VAL A 13 -9.30 0.48 -1.29
N CYS A 14 -8.64 1.48 -1.90
CA CYS A 14 -8.51 2.79 -1.26
C CYS A 14 -9.88 3.44 -1.10
N ARG A 15 -10.72 3.23 -2.10
CA ARG A 15 -12.06 3.78 -2.10
C ARG A 15 -12.89 3.13 -1.01
N ASP A 16 -12.65 1.84 -0.79
CA ASP A 16 -13.30 1.12 0.31
C ASP A 16 -12.70 1.49 1.66
N GLY A 17 -11.53 2.11 1.64
CA GLY A 17 -10.89 2.52 2.88
C GLY A 17 -9.90 1.48 3.38
N GLY A 18 -9.40 0.65 2.47
CA GLY A 18 -8.42 -0.36 2.82
C GLY A 18 -7.13 0.23 3.36
N GLU A 19 -6.34 -0.61 4.01
CA GLU A 19 -5.13 -0.16 4.69
C GLU A 19 -3.89 -0.43 3.84
N LEU A 20 -2.89 0.41 4.02
CA LEU A 20 -1.61 0.26 3.34
C LEU A 20 -0.59 -0.40 4.26
N PHE A 21 0.16 -1.35 3.74
CA PHE A 21 1.20 -2.01 4.53
C PHE A 21 2.58 -1.68 3.97
N CYS A 22 2.69 -0.47 3.45
CA CYS A 22 3.93 0.00 2.87
C CYS A 22 4.23 1.41 3.30
N CYS A 23 5.48 1.81 3.17
CA CYS A 23 5.89 3.17 3.48
C CYS A 23 5.55 4.06 2.29
N ASP A 24 5.63 5.38 2.49
CA ASP A 24 5.26 6.33 1.43
C ASP A 24 5.98 6.02 0.12
N THR A 25 7.27 5.70 0.22
CA THR A 25 8.09 5.43 -0.95
C THR A 25 7.60 4.20 -1.73
N CYS A 26 7.43 3.07 -1.05
CA CYS A 26 7.03 1.84 -1.72
C CYS A 26 5.57 1.89 -2.16
N SER A 27 4.73 2.57 -1.39
CA SER A 27 3.32 2.70 -1.72
C SER A 27 3.14 3.44 -3.03
N ARG A 28 4.06 4.35 -3.31
CA ARG A 28 4.03 5.12 -4.54
C ARG A 28 4.38 4.25 -5.74
N VAL A 29 5.16 3.19 -5.50
CA VAL A 29 5.63 2.34 -6.58
C VAL A 29 4.78 1.08 -6.74
N PHE A 30 4.40 0.48 -5.62
CA PHE A 30 3.62 -0.76 -5.65
C PHE A 30 2.30 -0.57 -4.93
N HIS A 31 1.58 0.47 -5.30
CA HIS A 31 0.36 0.87 -4.59
C HIS A 31 -0.63 -0.29 -4.48
N GLU A 32 -0.92 -0.95 -5.59
CA GLU A 32 -1.94 -2.00 -5.61
C GLU A 32 -1.50 -3.21 -4.79
N ASP A 33 -0.21 -3.52 -4.86
CA ASP A 33 0.34 -4.66 -4.14
C ASP A 33 0.43 -4.36 -2.65
N CYS A 34 0.52 -3.09 -2.32
CA CYS A 34 0.68 -2.66 -0.94
C CYS A 34 -0.67 -2.60 -0.21
N HIS A 35 -1.75 -2.94 -0.90
CA HIS A 35 -3.05 -3.08 -0.27
C HIS A 35 -3.41 -4.54 -0.12
N ILE A 36 -3.22 -5.30 -1.19
CA ILE A 36 -3.59 -6.70 -1.25
C ILE A 36 -2.39 -7.55 -1.65
N PRO A 37 -2.16 -8.69 -0.97
CA PRO A 37 -2.99 -9.16 0.12
C PRO A 37 -2.58 -8.59 1.48
N PRO A 38 -3.56 -8.22 2.32
CA PRO A 38 -3.29 -7.75 3.68
C PRO A 38 -2.62 -8.82 4.53
N VAL A 39 -1.58 -8.43 5.26
CA VAL A 39 -0.86 -9.37 6.10
C VAL A 39 -1.70 -9.79 7.30
N GLU A 40 -2.15 -11.03 7.29
CA GLU A 40 -2.99 -11.55 8.35
C GLU A 40 -2.16 -11.97 9.56
N ALA A 41 -1.58 -10.97 10.22
CA ALA A 41 -0.74 -11.19 11.39
C ALA A 41 -0.41 -9.86 12.04
N GLU A 42 0.48 -9.13 11.42
CA GLU A 42 0.88 -7.81 11.89
C GLU A 42 0.38 -6.74 10.94
N ARG A 43 -0.83 -6.26 11.17
CA ARG A 43 -1.39 -5.19 10.37
C ARG A 43 -0.94 -3.84 10.92
N THR A 44 0.37 -3.66 10.98
CA THR A 44 0.94 -2.46 11.57
C THR A 44 1.31 -1.45 10.48
N PRO A 45 0.66 -0.26 10.51
CA PRO A 45 0.83 0.75 9.45
C PRO A 45 2.26 1.28 9.34
N TRP A 46 3.02 1.20 10.42
CA TRP A 46 4.37 1.76 10.45
C TRP A 46 5.43 0.72 10.08
N ASN A 47 5.00 -0.41 9.56
CA ASN A 47 5.93 -1.45 9.13
C ASN A 47 5.73 -1.73 7.65
N CYS A 48 6.77 -1.48 6.86
CA CYS A 48 6.68 -1.67 5.42
C CYS A 48 7.13 -3.07 5.03
N ILE A 49 6.24 -3.81 4.39
CA ILE A 49 6.55 -5.18 3.95
C ILE A 49 7.40 -5.17 2.69
N PHE A 50 7.22 -4.15 1.87
CA PHE A 50 7.93 -4.07 0.60
C PHE A 50 9.37 -3.64 0.79
N CYS A 51 9.63 -2.85 1.84
CA CYS A 51 11.01 -2.49 2.16
C CYS A 51 11.83 -3.73 2.49
N ARG A 52 11.20 -4.70 3.15
CA ARG A 52 11.90 -5.92 3.55
C ARG A 52 11.90 -6.93 2.41
N MET A 53 11.19 -6.60 1.33
CA MET A 53 11.11 -7.48 0.17
C MET A 53 11.45 -6.71 -1.09
N LYS A 54 12.26 -5.66 -0.92
CA LYS A 54 12.67 -4.82 -2.04
C LYS A 54 13.67 -5.57 -2.91
N GLU A 55 14.41 -6.45 -2.28
CA GLU A 55 15.42 -7.25 -2.96
C GLU A 55 15.44 -8.65 -2.37
N SER A 56 15.74 -9.64 -3.20
CA SER A 56 15.80 -11.01 -2.75
C SER A 56 17.20 -11.58 -2.98
ZN ZN B . 8.99 0.77 2.00
ZN ZN C . -4.64 2.43 -2.74
N GLY A 1 -8.28 17.98 -3.89
CA GLY A 1 -6.90 17.83 -4.42
C GLY A 1 -6.46 16.39 -4.46
N ALA A 2 -7.10 15.61 -5.31
CA ALA A 2 -6.77 14.20 -5.47
C ALA A 2 -7.25 13.69 -6.82
N MET A 3 -7.10 14.53 -7.84
CA MET A 3 -7.57 14.19 -9.17
C MET A 3 -6.51 14.53 -10.22
N GLY A 4 -5.67 13.55 -10.53
CA GLY A 4 -4.66 13.73 -11.55
C GLY A 4 -3.34 13.10 -11.17
N MET A 5 -2.85 13.42 -9.99
CA MET A 5 -1.55 12.94 -9.53
C MET A 5 -1.70 11.84 -8.50
N ARG A 6 -2.73 11.02 -8.65
CA ARG A 6 -3.00 9.96 -7.70
C ARG A 6 -3.14 8.62 -8.42
N ASN A 7 -2.56 7.58 -7.83
CA ASN A 7 -2.64 6.24 -8.40
C ASN A 7 -3.75 5.45 -7.72
N LEU A 8 -4.32 6.03 -6.69
CA LEU A 8 -5.35 5.36 -5.89
C LEU A 8 -6.75 5.57 -6.47
N ASP A 9 -6.80 6.12 -7.66
CA ASP A 9 -8.08 6.38 -8.32
C ASP A 9 -8.65 5.10 -8.91
N GLU A 10 -7.77 4.24 -9.37
CA GLU A 10 -8.17 2.95 -9.92
C GLU A 10 -8.07 1.86 -8.84
N CYS A 11 -7.91 2.30 -7.61
CA CYS A 11 -7.73 1.41 -6.49
C CYS A 11 -9.03 1.31 -5.69
N GLU A 12 -9.82 0.29 -5.99
CA GLU A 12 -11.11 0.07 -5.33
C GLU A 12 -10.97 0.00 -3.84
N VAL A 13 -9.94 -0.67 -3.37
CA VAL A 13 -9.73 -0.87 -1.96
C VAL A 13 -9.42 0.44 -1.25
N CYS A 14 -8.80 1.38 -1.96
CA CYS A 14 -8.56 2.71 -1.41
C CYS A 14 -9.87 3.46 -1.25
N ARG A 15 -10.81 3.17 -2.15
CA ARG A 15 -12.14 3.78 -2.10
C ARG A 15 -12.86 3.30 -0.85
N ASP A 16 -12.63 2.04 -0.51
CA ASP A 16 -13.18 1.44 0.70
C ASP A 16 -12.45 1.94 1.94
N GLY A 17 -11.36 2.66 1.74
CA GLY A 17 -10.57 3.15 2.84
C GLY A 17 -9.64 2.09 3.39
N GLY A 18 -9.23 1.18 2.51
CA GLY A 18 -8.33 0.11 2.91
C GLY A 18 -6.97 0.60 3.34
N GLU A 19 -6.27 -0.23 4.09
CA GLU A 19 -4.98 0.14 4.66
C GLU A 19 -3.86 -0.16 3.69
N LEU A 20 -2.70 0.43 3.95
CA LEU A 20 -1.51 0.19 3.17
C LEU A 20 -0.46 -0.51 4.02
N PHE A 21 0.13 -1.57 3.48
CA PHE A 21 1.15 -2.32 4.22
C PHE A 21 2.53 -1.92 3.72
N CYS A 22 2.62 -0.65 3.34
CA CYS A 22 3.83 -0.09 2.79
C CYS A 22 4.06 1.31 3.34
N CYS A 23 5.29 1.77 3.25
CA CYS A 23 5.62 3.12 3.65
C CYS A 23 5.36 4.04 2.46
N ASP A 24 5.35 5.35 2.69
CA ASP A 24 4.93 6.30 1.65
C ASP A 24 5.66 6.10 0.33
N THR A 25 6.97 5.85 0.41
CA THR A 25 7.78 5.65 -0.77
C THR A 25 7.32 4.42 -1.57
N CYS A 26 7.23 3.28 -0.90
CA CYS A 26 6.91 2.04 -1.58
C CYS A 26 5.44 2.02 -2.02
N SER A 27 4.57 2.65 -1.23
CA SER A 27 3.14 2.69 -1.51
C SER A 27 2.84 3.41 -2.82
N ARG A 28 3.73 4.29 -3.23
CA ARG A 28 3.54 5.03 -4.48
C ARG A 28 4.08 4.25 -5.66
N VAL A 29 4.96 3.30 -5.39
CA VAL A 29 5.60 2.53 -6.44
C VAL A 29 4.87 1.20 -6.68
N PHE A 30 4.54 0.50 -5.61
CA PHE A 30 3.87 -0.80 -5.73
C PHE A 30 2.51 -0.74 -5.05
N HIS A 31 1.79 0.33 -5.32
CA HIS A 31 0.52 0.63 -4.66
C HIS A 31 -0.42 -0.58 -4.63
N GLU A 32 -0.59 -1.23 -5.78
CA GLU A 32 -1.56 -2.31 -5.91
C GLU A 32 -1.20 -3.49 -5.01
N ASP A 33 0.08 -3.84 -4.99
CA ASP A 33 0.55 -4.98 -4.23
C ASP A 33 0.58 -4.65 -2.74
N CYS A 34 0.73 -3.36 -2.45
CA CYS A 34 0.81 -2.87 -1.09
C CYS A 34 -0.56 -2.91 -0.40
N HIS A 35 -1.59 -3.30 -1.14
CA HIS A 35 -2.92 -3.47 -0.57
C HIS A 35 -3.26 -4.95 -0.41
N ILE A 36 -2.33 -5.81 -0.79
CA ILE A 36 -2.53 -7.25 -0.73
C ILE A 36 -1.57 -7.89 0.26
N PRO A 37 -2.04 -8.81 1.12
CA PRO A 37 -3.45 -9.26 1.15
C PRO A 37 -4.38 -8.19 1.74
N PRO A 38 -5.54 -7.98 1.09
CA PRO A 38 -6.50 -6.94 1.48
C PRO A 38 -6.91 -7.03 2.95
N VAL A 39 -7.20 -5.88 3.54
CA VAL A 39 -7.50 -5.77 4.96
C VAL A 39 -8.80 -6.48 5.31
N GLU A 40 -8.73 -7.42 6.23
CA GLU A 40 -9.90 -8.15 6.68
C GLU A 40 -10.38 -7.60 8.02
N ALA A 41 -9.42 -7.31 8.90
CA ALA A 41 -9.73 -6.74 10.21
C ALA A 41 -8.52 -6.01 10.78
N GLU A 42 -7.92 -5.14 9.97
CA GLU A 42 -6.73 -4.36 10.35
C GLU A 42 -5.51 -5.27 10.57
N ARG A 43 -4.45 -5.05 9.82
CA ARG A 43 -3.27 -5.90 9.94
C ARG A 43 -1.97 -5.11 9.69
N THR A 44 -1.45 -4.56 10.77
CA THR A 44 -0.16 -3.85 10.78
C THR A 44 0.01 -2.85 9.62
N PRO A 45 -0.65 -1.68 9.73
CA PRO A 45 -0.55 -0.63 8.72
C PRO A 45 0.75 0.19 8.86
N TRP A 46 1.39 0.06 10.01
CA TRP A 46 2.64 0.77 10.29
C TRP A 46 3.83 -0.16 10.10
N ASN A 47 3.75 -0.96 9.05
CA ASN A 47 4.79 -1.92 8.72
C ASN A 47 4.92 -2.01 7.21
N CYS A 48 6.13 -1.81 6.70
CA CYS A 48 6.31 -1.88 5.26
C CYS A 48 6.88 -3.24 4.88
N ILE A 49 6.15 -3.96 4.03
CA ILE A 49 6.58 -5.29 3.61
C ILE A 49 7.59 -5.21 2.48
N PHE A 50 7.54 -4.13 1.71
CA PHE A 50 8.44 -4.00 0.56
C PHE A 50 9.82 -3.55 1.01
N CYS A 51 9.87 -2.76 2.08
CA CYS A 51 11.13 -2.32 2.63
C CYS A 51 11.95 -3.48 3.18
N ARG A 52 11.26 -4.54 3.57
CA ARG A 52 11.91 -5.68 4.17
C ARG A 52 12.04 -6.83 3.17
N MET A 53 11.93 -6.52 1.88
CA MET A 53 12.06 -7.52 0.83
C MET A 53 13.44 -8.18 0.87
N LYS A 54 14.44 -7.42 1.32
CA LYS A 54 15.80 -7.92 1.48
C LYS A 54 16.29 -8.63 0.22
N GLU A 55 16.57 -7.86 -0.82
CA GLU A 55 17.05 -8.41 -2.07
C GLU A 55 18.20 -7.58 -2.61
N SER A 56 19.28 -8.26 -2.98
CA SER A 56 20.42 -7.60 -3.57
C SER A 56 20.11 -7.18 -5.01
ZN ZN B . 8.84 0.93 2.21
ZN ZN C . -4.65 2.04 -2.94
N GLY A 1 6.98 15.64 -6.89
CA GLY A 1 5.88 14.67 -6.73
C GLY A 1 5.48 14.49 -5.28
N ALA A 2 5.38 13.24 -4.84
CA ALA A 2 5.00 12.90 -3.47
C ALA A 2 3.54 13.24 -3.19
N MET A 3 3.25 14.52 -3.08
CA MET A 3 1.89 14.98 -2.81
C MET A 3 1.19 15.33 -4.13
N GLY A 4 1.71 14.76 -5.22
CA GLY A 4 1.14 15.01 -6.52
C GLY A 4 0.76 13.73 -7.23
N MET A 5 0.31 12.76 -6.46
CA MET A 5 -0.09 11.47 -7.01
C MET A 5 -1.46 11.08 -6.49
N ARG A 6 -2.49 11.66 -7.07
CA ARG A 6 -3.85 11.33 -6.69
C ARG A 6 -4.45 10.34 -7.68
N ASN A 7 -4.08 9.08 -7.52
CA ASN A 7 -4.59 8.03 -8.40
C ASN A 7 -4.96 6.79 -7.59
N LEU A 8 -5.85 6.97 -6.63
CA LEU A 8 -6.42 5.83 -5.91
C LEU A 8 -7.80 5.52 -6.46
N ASP A 9 -8.05 6.06 -7.65
CA ASP A 9 -9.33 5.90 -8.32
C ASP A 9 -9.39 4.55 -9.00
N GLU A 10 -8.21 4.00 -9.29
CA GLU A 10 -8.11 2.68 -9.89
C GLU A 10 -8.00 1.62 -8.79
N CYS A 11 -7.94 2.10 -7.56
CA CYS A 11 -7.81 1.24 -6.41
C CYS A 11 -9.15 1.15 -5.69
N GLU A 12 -9.93 0.15 -6.05
CA GLU A 12 -11.27 -0.04 -5.50
C GLU A 12 -11.20 -0.24 -3.99
N VAL A 13 -10.15 -0.91 -3.56
CA VAL A 13 -9.96 -1.21 -2.16
C VAL A 13 -9.72 0.07 -1.34
N CYS A 14 -9.08 1.06 -1.95
CA CYS A 14 -8.86 2.35 -1.28
C CYS A 14 -10.16 3.11 -1.11
N ARG A 15 -11.10 2.85 -2.00
CA ARG A 15 -12.43 3.44 -1.90
C ARG A 15 -13.13 2.93 -0.64
N ASP A 16 -12.88 1.67 -0.33
CA ASP A 16 -13.41 1.05 0.88
C ASP A 16 -12.58 1.42 2.11
N GLY A 17 -11.51 2.17 1.89
CA GLY A 17 -10.65 2.56 2.99
C GLY A 17 -9.18 2.34 2.66
N GLY A 18 -8.90 1.19 2.06
CA GLY A 18 -7.54 0.83 1.67
C GLY A 18 -6.49 0.99 2.75
N GLU A 19 -6.25 -0.07 3.51
CA GLU A 19 -5.21 -0.04 4.53
C GLU A 19 -3.86 -0.33 3.89
N LEU A 20 -2.92 0.60 4.04
CA LEU A 20 -1.60 0.48 3.44
C LEU A 20 -0.58 0.00 4.46
N PHE A 21 0.30 -0.90 4.05
CA PHE A 21 1.36 -1.40 4.91
C PHE A 21 2.71 -1.21 4.25
N CYS A 22 2.90 -0.02 3.68
CA CYS A 22 4.13 0.30 3.00
C CYS A 22 4.62 1.70 3.36
N CYS A 23 5.92 1.95 3.16
CA CYS A 23 6.47 3.30 3.31
C CYS A 23 5.85 4.21 2.25
N ASP A 24 5.92 5.53 2.44
CA ASP A 24 5.41 6.47 1.45
C ASP A 24 5.96 6.15 0.07
N THR A 25 7.28 6.05 -0.03
CA THR A 25 7.93 5.72 -1.29
C THR A 25 7.46 4.35 -1.81
N CYS A 26 7.45 3.35 -0.94
CA CYS A 26 7.06 2.00 -1.34
C CYS A 26 5.59 1.94 -1.78
N SER A 27 4.75 2.75 -1.13
CA SER A 27 3.34 2.82 -1.45
C SER A 27 3.12 3.52 -2.80
N ARG A 28 3.98 4.49 -3.09
CA ARG A 28 3.89 5.25 -4.33
C ARG A 28 4.36 4.41 -5.52
N VAL A 29 5.21 3.42 -5.26
CA VAL A 29 5.72 2.57 -6.31
C VAL A 29 4.87 1.31 -6.48
N PHE A 30 4.50 0.69 -5.36
CA PHE A 30 3.75 -0.56 -5.42
C PHE A 30 2.41 -0.41 -4.70
N HIS A 31 1.64 0.60 -5.07
CA HIS A 31 0.38 0.90 -4.39
C HIS A 31 -0.59 -0.27 -4.45
N GLU A 32 -0.81 -0.81 -5.65
CA GLU A 32 -1.84 -1.84 -5.84
C GLU A 32 -1.44 -3.13 -5.12
N ASP A 33 -0.18 -3.50 -5.26
CA ASP A 33 0.33 -4.72 -4.67
C ASP A 33 0.45 -4.58 -3.15
N CYS A 34 0.55 -3.33 -2.69
CA CYS A 34 0.66 -3.04 -1.25
C CYS A 34 -0.63 -3.41 -0.52
N HIS A 35 -1.73 -3.43 -1.24
CA HIS A 35 -3.02 -3.74 -0.63
C HIS A 35 -3.27 -5.24 -0.63
N ILE A 36 -2.35 -6.00 -1.21
CA ILE A 36 -2.52 -7.43 -1.39
C ILE A 36 -1.27 -8.21 -0.96
N PRO A 37 -1.34 -8.99 0.14
CA PRO A 37 -2.50 -9.12 1.01
C PRO A 37 -2.45 -8.17 2.19
N PRO A 38 -3.60 -7.64 2.62
CA PRO A 38 -3.68 -6.72 3.74
C PRO A 38 -3.52 -7.43 5.09
N VAL A 39 -2.74 -6.86 5.99
CA VAL A 39 -2.60 -7.37 7.34
C VAL A 39 -3.92 -7.13 8.09
N GLU A 40 -4.74 -8.15 8.19
CA GLU A 40 -6.13 -7.99 8.59
C GLU A 40 -6.28 -7.73 10.10
N ALA A 41 -5.59 -8.50 10.92
CA ALA A 41 -5.79 -8.43 12.36
C ALA A 41 -4.91 -7.36 13.00
N GLU A 42 -3.60 -7.50 12.81
CA GLU A 42 -2.65 -6.61 13.47
C GLU A 42 -2.75 -5.18 12.94
N ARG A 43 -2.89 -5.04 11.63
CA ARG A 43 -3.00 -3.73 10.98
C ARG A 43 -1.97 -2.75 11.52
N THR A 44 -0.70 -3.04 11.25
CA THR A 44 0.39 -2.23 11.75
C THR A 44 0.95 -1.33 10.64
N PRO A 45 0.75 0.00 10.73
CA PRO A 45 1.22 0.94 9.71
C PRO A 45 2.74 1.07 9.70
N TRP A 46 3.37 0.66 10.78
CA TRP A 46 4.82 0.70 10.90
C TRP A 46 5.43 -0.65 10.53
N ASN A 47 4.91 -1.24 9.47
CA ASN A 47 5.38 -2.54 9.02
C ASN A 47 5.26 -2.63 7.49
N CYS A 48 6.30 -2.23 6.80
CA CYS A 48 6.31 -2.26 5.35
C CYS A 48 6.62 -3.67 4.88
N ILE A 49 5.69 -4.22 4.11
CA ILE A 49 5.83 -5.59 3.62
C ILE A 49 6.88 -5.70 2.53
N PHE A 50 7.07 -4.64 1.74
CA PHE A 50 8.04 -4.68 0.65
C PHE A 50 9.47 -4.53 1.17
N CYS A 51 9.67 -3.71 2.19
CA CYS A 51 11.00 -3.54 2.75
C CYS A 51 11.46 -4.83 3.43
N ARG A 52 10.62 -5.38 4.29
CA ARG A 52 10.93 -6.65 4.94
C ARG A 52 10.95 -7.82 3.95
N MET A 53 10.36 -7.60 2.78
CA MET A 53 10.32 -8.62 1.73
C MET A 53 11.70 -8.80 1.11
N LYS A 54 12.43 -7.70 1.00
CA LYS A 54 13.76 -7.71 0.41
C LYS A 54 14.66 -6.71 1.10
N GLU A 55 15.32 -7.15 2.16
CA GLU A 55 16.21 -6.30 2.92
C GLU A 55 17.48 -7.05 3.28
N SER A 56 18.58 -6.67 2.65
CA SER A 56 19.87 -7.28 2.93
C SER A 56 20.98 -6.25 2.73
ZN ZN B . 9.22 0.24 2.54
ZN ZN C . -4.85 1.87 -2.73
#